data_3RJ3
#
_entry.id   3RJ3
#
_cell.length_a   74.750
_cell.length_b   82.620
_cell.length_c   85.400
_cell.angle_alpha   112.61
_cell.angle_beta   110.26
_cell.angle_gamma   99.84
#
_symmetry.space_group_name_H-M   'P 1'
#
loop_
_entity.id
_entity.type
_entity.pdbx_description
1 polymer 'Complement C3d fragment'
2 polymer 'Complement Factor H-related protein 1'
3 non-polymer GLYCEROL
4 water water
#
loop_
_entity_poly.entity_id
_entity_poly.type
_entity_poly.pdbx_seq_one_letter_code
_entity_poly.pdbx_strand_id
1 'polypeptide(L)'
;GPLGSPEFRDAERLKHLIVTPSGAGEQNMIGMTPTVIAVHYLDETEQWEKFGLEKRQGALELIKKGYTQQLAFRQPSSAF
AAFVKRAPSTWLTAYVVKVFSLAVNLIAIDSQVLCGAVKWLILEKQKPDGVFQEDAPVIHQEMIGGLRNNNEKDMALTAF
VLISLQEAKDICEEQVNSLPGSITKAGDFLEANYMNLQRSYTVAIAGYALAQMGRLKGPLLNKFLTTAKDKNRWEDPGKQ
LYNVEATSYALLALLQLKDFDFVPPVVRWLNEQRYYGGGYGSTQATFMVFQALAQYQKDAPDHQELNLDVSLQLPSR
;
A,B,C
2 'polypeptide(L)'
;EAEFGKCGPPPPIDNGDITSFPLSVYAPASSVEYQCQNLYQLEGNKRITCRNGQWSEPPKCLHPCVISREIMENYNIALR
WTAKQKLYLRTGESVEFVCKRGYRLSSRSHTLRTTCWDGKLEYPTCAKR
;
D,E,F
#
loop_
_chem_comp.id
_chem_comp.type
_chem_comp.name
_chem_comp.formula
GOL non-polymer GLYCEROL 'C3 H8 O3'
#
# COMPACT_ATOMS: atom_id res chain seq x y z
N ASP A 10 20.72 -7.48 -5.46
N ASP A 10 20.73 -7.48 -5.46
CA ASP A 10 21.25 -6.88 -4.24
CA ASP A 10 21.30 -6.94 -4.24
C ASP A 10 20.32 -7.05 -3.05
C ASP A 10 20.34 -6.97 -3.05
N ALA A 11 20.91 -7.07 -1.85
CA ALA A 11 20.15 -7.33 -0.62
C ALA A 11 19.07 -6.31 -0.25
N GLU A 12 19.17 -5.10 -0.78
CA GLU A 12 18.25 -4.03 -0.39
C GLU A 12 16.86 -4.23 -0.98
N ARG A 13 16.80 -4.76 -2.19
CA ARG A 13 15.54 -5.00 -2.88
C ARG A 13 14.71 -6.07 -2.17
N LEU A 14 15.31 -6.73 -1.19
CA LEU A 14 14.65 -7.84 -0.51
C LEU A 14 14.79 -7.79 0.99
N LYS A 15 14.84 -6.60 1.56
CA LYS A 15 14.95 -6.44 3.00
C LYS A 15 13.63 -6.81 3.67
N HIS A 16 12.55 -6.80 2.90
CA HIS A 16 11.23 -7.12 3.43
C HIS A 16 11.06 -8.62 3.72
N LEU A 17 12.01 -9.43 3.25
CA LEU A 17 11.96 -10.87 3.49
C LEU A 17 12.23 -11.21 4.95
N ILE A 18 12.93 -10.33 5.65
CA ILE A 18 13.11 -10.49 7.09
C ILE A 18 11.81 -10.10 7.77
N VAL A 19 11.19 -11.05 8.46
CA VAL A 19 9.87 -10.82 9.05
C VAL A 19 9.64 -11.76 10.23
N THR A 20 8.82 -11.31 11.18
CA THR A 20 8.46 -12.15 12.32
C THR A 20 7.41 -13.19 11.93
N PRO A 21 7.67 -14.46 12.25
CA PRO A 21 6.73 -15.55 11.98
C PRO A 21 5.54 -15.55 12.95
N SER A 22 4.36 -15.82 12.41
CA SER A 22 3.13 -15.71 13.18
C SER A 22 2.06 -16.64 12.61
N GLY A 23 1.08 -16.99 13.44
CA GLY A 23 -0.02 -17.82 13.00
C GLY A 23 0.12 -19.28 13.40
N ALA A 24 -0.77 -20.12 12.87
CA ALA A 24 -0.79 -21.54 13.23
C ALA A 24 0.19 -22.36 12.40
N GLY A 25 0.00 -23.68 12.41
CA GLY A 25 0.89 -24.60 11.72
C GLY A 25 1.19 -24.32 10.26
N GLU A 26 0.25 -23.68 9.54
CA GLU A 26 0.48 -23.33 8.14
C GLU A 26 1.06 -21.92 7.98
N GLN A 27 0.37 -20.92 8.52
CA GLN A 27 0.80 -19.54 8.39
C GLN A 27 2.18 -19.31 9.01
N ASN A 28 2.48 -20.03 10.09
CA ASN A 28 3.79 -19.89 10.71
C ASN A 28 4.92 -20.26 9.73
N MET A 29 4.69 -21.29 8.93
CA MET A 29 5.66 -21.70 7.92
C MET A 29 5.70 -20.69 6.78
N ILE A 30 4.56 -20.08 6.49
CA ILE A 30 4.48 -19.03 5.49
C ILE A 30 5.38 -17.86 5.89
N GLY A 31 5.35 -17.50 7.17
CA GLY A 31 6.19 -16.43 7.66
C GLY A 31 7.65 -16.82 7.78
N MET A 32 7.88 -18.03 8.27
CA MET A 32 9.24 -18.53 8.44
C MET A 32 9.96 -18.63 7.11
N THR A 33 9.21 -18.88 6.05
CA THR A 33 9.77 -19.10 4.71
C THR A 33 10.71 -17.98 4.22
N PRO A 34 10.20 -16.75 4.09
CA PRO A 34 11.03 -15.69 3.50
C PRO A 34 12.30 -15.40 4.33
N THR A 35 12.21 -15.47 5.64
CA THR A 35 13.36 -15.15 6.48
C THR A 35 14.47 -16.20 6.36
N VAL A 36 14.08 -17.47 6.31
CA VAL A 36 15.05 -18.55 6.19
C VAL A 36 15.81 -18.47 4.87
N ILE A 37 15.09 -18.27 3.77
CA ILE A 37 15.72 -18.25 2.46
C ILE A 37 16.51 -16.95 2.24
N ALA A 38 16.14 -15.90 2.98
CA ALA A 38 16.85 -14.63 2.89
C ALA A 38 18.23 -14.74 3.50
N VAL A 39 18.30 -15.33 4.68
CA VAL A 39 19.59 -15.54 5.34
C VAL A 39 20.43 -16.52 4.55
N HIS A 40 19.80 -17.56 4.03
CA HIS A 40 20.49 -18.56 3.23
C HIS A 40 21.14 -17.96 1.98
N TYR A 41 20.39 -17.10 1.30
CA TYR A 41 20.85 -16.50 0.05
C TYR A 41 21.90 -15.41 0.27
N LEU A 42 21.78 -14.68 1.38
CA LEU A 42 22.74 -13.64 1.71
C LEU A 42 24.05 -14.23 2.22
N ASP A 43 23.95 -15.31 2.99
CA ASP A 43 25.14 -16.06 3.39
C ASP A 43 25.93 -16.46 2.15
N GLU A 44 25.23 -17.02 1.16
CA GLU A 44 25.89 -17.56 -0.03
C GLU A 44 26.55 -16.48 -0.88
N THR A 45 25.78 -15.44 -1.20
CA THR A 45 26.31 -14.34 -2.00
C THR A 45 27.09 -13.35 -1.16
N GLU A 46 27.29 -13.70 0.11
CA GLU A 46 28.05 -12.88 1.05
C GLU A 46 27.77 -11.39 0.89
N GLN A 47 26.56 -10.98 1.23
CA GLN A 47 26.14 -9.58 1.09
C GLN A 47 25.84 -8.92 2.42
N TRP A 48 26.04 -9.64 3.52
CA TRP A 48 25.79 -9.07 4.84
C TRP A 48 26.70 -7.88 5.11
N GLU A 49 27.80 -7.80 4.37
CA GLU A 49 28.76 -6.70 4.55
C GLU A 49 28.11 -5.37 4.19
N LYS A 50 27.61 -5.28 2.96
CA LYS A 50 26.94 -4.07 2.49
C LYS A 50 25.59 -3.90 3.18
N PHE A 51 24.74 -4.93 3.05
CA PHE A 51 23.42 -4.91 3.69
C PHE A 51 23.51 -4.47 5.15
N GLY A 52 24.27 -5.23 5.94
CA GLY A 52 24.46 -4.91 7.34
C GLY A 52 24.70 -6.14 8.20
N LEU A 53 25.96 -6.36 8.56
CA LEU A 53 26.33 -7.50 9.38
C LEU A 53 25.46 -7.59 10.63
N GLU A 54 25.08 -6.42 11.16
CA GLU A 54 24.30 -6.36 12.39
C GLU A 54 22.90 -6.96 12.23
N LYS A 55 22.40 -6.94 11.00
CA LYS A 55 21.04 -7.40 10.72
C LYS A 55 20.90 -8.92 10.77
N ARG A 56 22.02 -9.63 10.63
CA ARG A 56 21.98 -11.08 10.50
C ARG A 56 21.54 -11.80 11.77
N GLN A 57 22.15 -11.46 12.90
CA GLN A 57 21.87 -12.16 14.15
C GLN A 57 20.40 -12.05 14.54
N GLY A 58 19.77 -10.94 14.16
CA GLY A 58 18.36 -10.74 14.42
C GLY A 58 17.53 -11.69 13.58
N ALA A 59 17.85 -11.75 12.29
CA ALA A 59 17.19 -12.66 11.37
C ALA A 59 17.32 -14.09 11.88
N LEU A 60 18.50 -14.42 12.39
CA LEU A 60 18.74 -15.74 12.96
C LEU A 60 17.76 -16.05 14.08
N GLU A 61 17.44 -15.09 14.92
CA GLU A 61 16.52 -15.42 15.98
C GLU A 61 15.08 -15.36 15.59
N LEU A 62 14.75 -14.68 14.50
CA LEU A 62 13.41 -14.85 13.95
C LEU A 62 13.27 -16.27 13.41
N ILE A 63 14.35 -16.81 12.87
CA ILE A 63 14.34 -18.17 12.35
C ILE A 63 14.17 -19.19 13.48
N LYS A 64 14.94 -19.03 14.55
N LYS A 64 14.94 -19.02 14.55
CA LYS A 64 14.81 -19.91 15.71
CA LYS A 64 14.83 -19.86 15.73
C LYS A 64 13.41 -19.79 16.30
C LYS A 64 13.42 -19.79 16.28
N LYS A 65 12.86 -18.59 16.24
CA LYS A 65 11.51 -18.33 16.75
C LYS A 65 10.47 -19.10 15.95
N GLY A 66 10.56 -19.01 14.62
CA GLY A 66 9.66 -19.74 13.73
C GLY A 66 9.71 -21.22 14.00
N TYR A 67 10.93 -21.78 14.06
CA TYR A 67 11.14 -23.19 14.35
C TYR A 67 10.48 -23.60 15.67
N THR A 68 10.78 -22.87 16.74
CA THR A 68 10.20 -23.15 18.05
C THR A 68 8.68 -23.07 18.02
N GLN A 69 8.14 -22.08 17.32
CA GLN A 69 6.70 -21.92 17.21
C GLN A 69 6.06 -23.05 16.41
N GLN A 70 6.81 -23.61 15.47
CA GLN A 70 6.30 -24.71 14.65
C GLN A 70 6.19 -26.01 15.44
N LEU A 71 7.06 -26.16 16.44
CA LEU A 71 7.07 -27.36 17.27
C LEU A 71 5.74 -27.54 18.00
N ALA A 72 5.03 -26.43 18.19
CA ALA A 72 3.72 -26.47 18.85
C ALA A 72 2.72 -27.25 18.02
N PHE A 73 3.02 -27.43 16.73
CA PHE A 73 2.10 -28.09 15.82
C PHE A 73 2.65 -29.43 15.37
N ARG A 74 3.74 -29.84 15.99
CA ARG A 74 4.26 -31.19 15.80
C ARG A 74 3.38 -32.16 16.55
N GLN A 75 2.78 -33.10 15.82
CA GLN A 75 1.90 -34.08 16.42
C GLN A 75 2.72 -35.27 16.93
N PRO A 76 2.13 -36.11 17.80
CA PRO A 76 2.84 -37.26 18.36
C PRO A 76 3.39 -38.17 17.26
N SER A 77 2.77 -38.14 16.09
CA SER A 77 3.22 -38.94 14.96
C SER A 77 4.50 -38.37 14.33
N SER A 78 4.85 -37.15 14.74
CA SER A 78 5.95 -36.40 14.14
C SER A 78 5.51 -35.64 12.89
N ALA A 79 4.23 -35.77 12.55
CA ALA A 79 3.67 -35.07 11.41
C ALA A 79 3.16 -33.68 11.80
N PHE A 80 2.80 -32.89 10.81
CA PHE A 80 2.31 -31.53 11.05
C PHE A 80 0.95 -31.24 10.41
N ALA A 81 0.20 -30.36 11.06
CA ALA A 81 -1.02 -29.80 10.49
C ALA A 81 -1.18 -28.39 11.02
N ALA A 82 -2.15 -27.65 10.49
CA ALA A 82 -2.43 -26.31 10.97
C ALA A 82 -2.70 -26.31 12.47
N PHE A 83 -3.51 -27.28 12.91
CA PHE A 83 -3.85 -27.44 14.32
C PHE A 83 -3.59 -28.88 14.77
N VAL A 84 -3.29 -29.04 16.05
CA VAL A 84 -3.01 -30.36 16.61
C VAL A 84 -4.20 -31.32 16.48
N LYS A 85 -5.40 -30.75 16.39
CA LYS A 85 -6.61 -31.56 16.26
C LYS A 85 -6.98 -31.85 14.81
N ARG A 86 -6.20 -31.32 13.88
CA ARG A 86 -6.45 -31.54 12.46
C ARG A 86 -5.59 -32.68 11.92
N ALA A 87 -6.16 -33.51 11.07
CA ALA A 87 -5.44 -34.60 10.45
C ALA A 87 -4.16 -34.07 9.79
N PRO A 88 -3.04 -34.78 9.99
CA PRO A 88 -1.74 -34.33 9.50
C PRO A 88 -1.70 -34.22 7.97
N SER A 89 -0.96 -33.23 7.47
CA SER A 89 -0.86 -33.01 6.04
C SER A 89 0.44 -33.56 5.47
N THR A 90 0.32 -34.33 4.38
CA THR A 90 1.50 -34.84 3.70
C THR A 90 2.35 -33.68 3.19
N TRP A 91 1.71 -32.73 2.50
CA TRP A 91 2.43 -31.61 1.91
C TRP A 91 3.12 -30.75 2.97
N LEU A 92 2.38 -30.36 3.99
CA LEU A 92 2.92 -29.49 5.04
C LEU A 92 4.12 -30.13 5.74
N THR A 93 3.96 -31.39 6.13
CA THR A 93 5.05 -32.12 6.77
C THR A 93 6.29 -32.15 5.88
N ALA A 94 6.07 -32.43 4.59
CA ALA A 94 7.17 -32.44 3.63
C ALA A 94 7.80 -31.06 3.53
N TYR A 95 6.97 -30.02 3.55
CA TYR A 95 7.47 -28.66 3.44
C TYR A 95 8.30 -28.26 4.65
N VAL A 96 7.87 -28.68 5.83
CA VAL A 96 8.64 -28.43 7.04
C VAL A 96 10.01 -29.09 6.93
N VAL A 97 10.04 -30.32 6.41
CA VAL A 97 11.30 -31.01 6.18
C VAL A 97 12.17 -30.19 5.23
N LYS A 98 11.56 -29.76 4.13
CA LYS A 98 12.22 -28.93 3.13
C LYS A 98 12.86 -27.69 3.76
N VAL A 99 12.09 -27.00 4.60
CA VAL A 99 12.56 -25.76 5.21
C VAL A 99 13.57 -26.00 6.33
N PHE A 100 13.30 -26.97 7.19
CA PHE A 100 14.21 -27.27 8.30
C PHE A 100 15.56 -27.79 7.80
N SER A 101 15.53 -28.63 6.77
CA SER A 101 16.74 -29.17 6.18
C SER A 101 17.69 -28.05 5.74
N LEU A 102 17.13 -27.01 5.14
CA LEU A 102 17.94 -25.92 4.61
C LEU A 102 18.42 -25.00 5.72
N ALA A 103 17.78 -25.10 6.88
CA ALA A 103 18.09 -24.24 8.01
C ALA A 103 18.95 -24.88 9.10
N VAL A 104 19.32 -26.15 8.92
CA VAL A 104 20.12 -26.85 9.93
C VAL A 104 21.48 -26.21 10.17
N ASN A 105 22.01 -25.55 9.14
CA ASN A 105 23.30 -24.88 9.28
CA ASN A 105 23.31 -24.88 9.26
C ASN A 105 23.17 -23.40 9.64
N LEU A 106 21.92 -22.99 9.91
CA LEU A 106 21.64 -21.62 10.32
C LEU A 106 21.30 -21.58 11.80
N ILE A 107 20.55 -22.58 12.25
CA ILE A 107 20.15 -22.70 13.65
C ILE A 107 20.22 -24.17 14.06
N ALA A 108 19.95 -24.45 15.34
CA ALA A 108 19.99 -25.82 15.84
C ALA A 108 18.67 -26.53 15.65
N ILE A 109 18.62 -27.42 14.66
CA ILE A 109 17.44 -28.23 14.40
C ILE A 109 17.58 -29.59 15.09
N ASP A 110 16.57 -29.97 15.85
CA ASP A 110 16.56 -31.29 16.48
C ASP A 110 16.30 -32.38 15.44
N SER A 111 17.31 -33.21 15.21
CA SER A 111 17.21 -34.28 14.21
C SER A 111 16.02 -35.19 14.44
N GLN A 112 15.70 -35.47 15.70
CA GLN A 112 14.55 -36.29 16.02
C GLN A 112 13.27 -35.69 15.42
N VAL A 113 13.23 -34.37 15.35
CA VAL A 113 12.09 -33.67 14.75
C VAL A 113 12.11 -33.86 13.24
N LEU A 114 13.24 -33.49 12.63
CA LEU A 114 13.38 -33.59 11.18
C LEU A 114 13.23 -35.03 10.70
N CYS A 115 13.99 -35.94 11.30
CA CYS A 115 13.99 -37.34 10.88
C CYS A 115 12.73 -38.07 11.29
N GLY A 116 12.05 -37.56 12.32
CA GLY A 116 10.77 -38.11 12.70
C GLY A 116 9.74 -37.85 11.61
N ALA A 117 9.78 -36.65 11.04
CA ALA A 117 8.85 -36.26 10.00
C ALA A 117 9.12 -37.03 8.70
N VAL A 118 10.40 -37.23 8.40
CA VAL A 118 10.79 -38.01 7.23
C VAL A 118 10.27 -39.44 7.35
N LYS A 119 10.46 -40.03 8.52
CA LYS A 119 10.09 -41.42 8.73
C LYS A 119 8.58 -41.58 8.59
N TRP A 120 7.84 -40.62 9.12
CA TRP A 120 6.39 -40.64 9.08
C TRP A 120 5.90 -40.58 7.63
N LEU A 121 6.53 -39.74 6.82
CA LEU A 121 6.19 -39.67 5.41
C LEU A 121 6.38 -41.03 4.75
N ILE A 122 7.52 -41.65 5.02
CA ILE A 122 7.88 -42.93 4.44
C ILE A 122 6.97 -44.08 4.89
N LEU A 123 6.65 -44.11 6.17
CA LEU A 123 5.92 -45.24 6.75
C LEU A 123 4.39 -45.12 6.67
N GLU A 124 3.89 -43.91 6.49
CA GLU A 124 2.44 -43.69 6.51
C GLU A 124 1.85 -43.24 5.18
N LYS A 125 2.60 -42.46 4.42
CA LYS A 125 1.99 -41.74 3.31
C LYS A 125 2.50 -42.12 1.91
N GLN A 126 3.41 -43.09 1.84
CA GLN A 126 3.85 -43.56 0.53
C GLN A 126 3.08 -44.80 0.09
N LYS A 127 2.65 -44.80 -1.16
CA LYS A 127 1.92 -45.93 -1.71
CA LYS A 127 1.91 -45.92 -1.73
C LYS A 127 2.86 -46.97 -2.30
N PRO A 128 2.39 -48.22 -2.43
CA PRO A 128 3.23 -49.31 -2.93
C PRO A 128 3.96 -49.01 -4.24
N ASP A 129 3.36 -48.22 -5.12
CA ASP A 129 3.98 -47.93 -6.41
C ASP A 129 4.95 -46.74 -6.35
N GLY A 130 5.11 -46.17 -5.16
CA GLY A 130 6.07 -45.10 -4.96
C GLY A 130 5.46 -43.72 -4.75
N VAL A 131 4.18 -43.59 -5.13
CA VAL A 131 3.46 -42.33 -5.01
C VAL A 131 3.30 -41.88 -3.56
N PHE A 132 3.38 -40.57 -3.33
CA PHE A 132 3.05 -40.01 -2.03
C PHE A 132 1.67 -39.39 -2.09
N GLN A 133 0.88 -39.59 -1.05
CA GLN A 133 -0.52 -39.20 -1.06
C GLN A 133 -0.88 -38.24 0.05
N GLU A 134 -1.68 -37.24 -0.29
CA GLU A 134 -2.19 -36.29 0.69
C GLU A 134 -3.60 -36.68 1.14
N ASP A 135 -3.78 -36.86 2.45
CA ASP A 135 -5.07 -37.25 3.00
C ASP A 135 -5.73 -36.11 3.76
N ALA A 136 -5.01 -35.00 3.93
CA ALA A 136 -5.55 -33.83 4.60
C ALA A 136 -4.93 -32.55 4.05
N PRO A 137 -5.45 -32.08 2.90
CA PRO A 137 -4.92 -30.90 2.22
C PRO A 137 -4.81 -29.71 3.17
N VAL A 138 -3.82 -28.84 2.95
CA VAL A 138 -3.68 -27.65 3.77
C VAL A 138 -4.81 -26.67 3.50
N ILE A 139 -5.15 -25.88 4.51
CA ILE A 139 -6.17 -24.85 4.39
C ILE A 139 -5.72 -23.75 3.43
N HIS A 140 -4.52 -23.22 3.65
CA HIS A 140 -3.99 -22.14 2.83
C HIS A 140 -3.33 -22.67 1.55
N GLN A 141 -4.16 -23.04 0.58
CA GLN A 141 -3.72 -23.59 -0.69
C GLN A 141 -2.79 -22.67 -1.46
N GLU A 142 -2.78 -21.39 -1.10
CA GLU A 142 -1.92 -20.43 -1.79
C GLU A 142 -0.44 -20.64 -1.45
N MET A 143 -0.17 -21.41 -0.41
CA MET A 143 1.21 -21.62 0.04
C MET A 143 1.92 -22.77 -0.70
N ILE A 144 1.16 -23.54 -1.47
CA ILE A 144 1.72 -24.71 -2.15
C ILE A 144 2.14 -24.44 -3.59
N GLY A 145 2.03 -23.19 -4.03
CA GLY A 145 2.47 -22.81 -5.36
C GLY A 145 1.78 -23.53 -6.50
N GLY A 146 2.53 -23.85 -7.55
CA GLY A 146 1.99 -24.46 -8.74
C GLY A 146 1.36 -25.82 -8.52
N LEU A 147 1.49 -26.35 -7.31
CA LEU A 147 0.87 -27.63 -6.99
C LEU A 147 -0.64 -27.48 -6.85
N ARG A 148 -1.09 -26.26 -6.55
CA ARG A 148 -2.48 -26.02 -6.18
C ARG A 148 -3.49 -26.68 -7.10
N ASN A 149 -3.67 -26.14 -8.29
CA ASN A 149 -4.59 -26.74 -9.24
C ASN A 149 -3.82 -27.49 -10.32
N ASN A 150 -3.57 -28.77 -10.05
CA ASN A 150 -2.72 -29.57 -10.91
C ASN A 150 -3.41 -30.86 -11.35
N ASN A 151 -3.48 -31.07 -12.66
CA ASN A 151 -3.97 -32.33 -13.21
C ASN A 151 -3.04 -33.45 -12.81
N GLU A 152 -1.75 -33.22 -13.00
CA GLU A 152 -0.72 -34.21 -12.78
C GLU A 152 -0.30 -34.20 -11.32
N LYS A 153 -1.27 -34.37 -10.44
CA LYS A 153 -1.08 -34.17 -9.01
C LYS A 153 -0.27 -35.27 -8.31
N ASP A 154 -0.50 -36.53 -8.68
CA ASP A 154 0.31 -37.62 -8.13
C ASP A 154 1.79 -37.39 -8.42
N MET A 155 2.10 -37.02 -9.65
CA MET A 155 3.48 -36.75 -10.06
C MET A 155 4.03 -35.53 -9.34
N ALA A 156 3.26 -34.45 -9.33
CA ALA A 156 3.70 -33.19 -8.74
C ALA A 156 3.95 -33.33 -7.23
N LEU A 157 3.01 -33.96 -6.53
CA LEU A 157 3.15 -34.15 -5.08
C LEU A 157 4.26 -35.14 -4.75
N THR A 158 4.38 -36.19 -5.55
CA THR A 158 5.41 -37.19 -5.31
C THR A 158 6.80 -36.58 -5.49
N ALA A 159 6.94 -35.72 -6.50
CA ALA A 159 8.19 -35.04 -6.73
C ALA A 159 8.53 -34.09 -5.58
N PHE A 160 7.52 -33.37 -5.11
CA PHE A 160 7.71 -32.41 -4.03
C PHE A 160 8.19 -33.09 -2.75
N VAL A 161 7.54 -34.18 -2.37
CA VAL A 161 7.94 -34.94 -1.19
C VAL A 161 9.33 -35.53 -1.40
N LEU A 162 9.55 -36.11 -2.58
CA LEU A 162 10.84 -36.71 -2.92
C LEU A 162 11.99 -35.70 -2.77
N ILE A 163 11.76 -34.48 -3.24
CA ILE A 163 12.77 -33.44 -3.13
C ILE A 163 13.10 -33.13 -1.66
N SER A 164 12.07 -33.08 -0.83
CA SER A 164 12.27 -32.87 0.60
C SER A 164 13.08 -34.01 1.22
N LEU A 165 12.69 -35.25 0.92
CA LEU A 165 13.39 -36.43 1.44
C LEU A 165 14.86 -36.42 1.06
N GLN A 166 15.15 -36.05 -0.18
CA GLN A 166 16.52 -36.04 -0.68
C GLN A 166 17.35 -34.92 -0.06
N GLU A 167 16.72 -33.78 0.19
CA GLU A 167 17.42 -32.67 0.83
C GLU A 167 17.57 -32.90 2.33
N ALA A 168 16.83 -33.88 2.86
CA ALA A 168 16.97 -34.29 4.25
C ALA A 168 17.88 -35.51 4.39
N LYS A 169 18.37 -36.01 3.25
CA LYS A 169 19.10 -37.28 3.22
C LYS A 169 20.40 -37.29 4.02
N ASP A 170 21.27 -36.31 3.77
CA ASP A 170 22.57 -36.27 4.45
C ASP A 170 22.40 -36.28 5.98
N ILE A 171 21.33 -35.65 6.45
CA ILE A 171 21.06 -35.52 7.87
C ILE A 171 20.41 -36.77 8.46
N CYS A 172 19.49 -37.37 7.70
CA CYS A 172 18.60 -38.39 8.24
C CYS A 172 18.91 -39.83 7.81
N GLU A 173 19.73 -39.98 6.81
CA GLU A 173 20.05 -41.31 6.26
C GLU A 173 20.49 -42.30 7.33
N GLU A 174 21.38 -41.92 8.21
CA GLU A 174 21.87 -42.82 9.25
C GLU A 174 20.79 -43.23 10.25
N GLN A 175 19.92 -42.30 10.60
CA GLN A 175 18.86 -42.57 11.57
C GLN A 175 17.62 -43.17 10.92
N VAL A 176 17.57 -43.12 9.59
CA VAL A 176 16.42 -43.67 8.87
C VAL A 176 16.85 -44.61 7.75
N ASN A 177 17.02 -45.88 8.09
CA ASN A 177 17.42 -46.91 7.13
C ASN A 177 16.57 -46.94 5.87
N SER A 178 15.29 -46.60 6.02
CA SER A 178 14.33 -46.77 4.95
C SER A 178 14.32 -45.61 3.94
N LEU A 179 15.09 -44.57 4.21
CA LEU A 179 15.07 -43.38 3.35
C LEU A 179 15.49 -43.68 1.90
N PRO A 180 16.67 -44.29 1.70
CA PRO A 180 17.12 -44.54 0.33
C PRO A 180 16.17 -45.45 -0.44
N GLY A 181 15.55 -46.40 0.26
CA GLY A 181 14.59 -47.30 -0.37
C GLY A 181 13.35 -46.56 -0.83
N SER A 182 12.83 -45.71 0.04
CA SER A 182 11.66 -44.91 -0.27
C SER A 182 11.95 -43.96 -1.41
N ILE A 183 13.12 -43.32 -1.36
CA ILE A 183 13.57 -42.43 -2.42
C ILE A 183 13.58 -43.14 -3.77
N THR A 184 14.18 -44.31 -3.81
CA THR A 184 14.28 -45.11 -5.03
C THR A 184 12.91 -45.44 -5.60
N LYS A 185 12.00 -45.88 -4.73
CA LYS A 185 10.67 -46.28 -5.16
C LYS A 185 9.87 -45.08 -5.70
N ALA A 186 9.96 -43.94 -5.04
CA ALA A 186 9.33 -42.73 -5.56
C ALA A 186 9.97 -42.31 -6.88
N GLY A 187 11.28 -42.52 -7.00
CA GLY A 187 11.98 -42.25 -8.24
C GLY A 187 11.48 -43.13 -9.37
N ASP A 188 11.16 -44.38 -9.05
CA ASP A 188 10.64 -45.31 -10.04
C ASP A 188 9.35 -44.78 -10.66
N PHE A 189 8.45 -44.30 -9.81
CA PHE A 189 7.16 -43.80 -10.28
C PHE A 189 7.33 -42.60 -11.23
N LEU A 190 8.10 -41.62 -10.81
CA LEU A 190 8.34 -40.44 -11.63
C LEU A 190 8.91 -40.81 -13.00
N GLU A 191 9.87 -41.72 -13.00
CA GLU A 191 10.53 -42.12 -14.23
C GLU A 191 9.58 -42.84 -15.17
N ALA A 192 8.68 -43.65 -14.60
CA ALA A 192 7.76 -44.45 -15.39
C ALA A 192 6.67 -43.62 -16.05
N ASN A 193 6.49 -42.40 -15.55
CA ASN A 193 5.39 -41.55 -16.04
C ASN A 193 5.84 -40.18 -16.53
N TYR A 194 7.15 -39.96 -16.56
CA TYR A 194 7.70 -38.65 -16.90
C TYR A 194 7.40 -38.24 -18.35
N MET A 195 7.55 -39.20 -19.27
CA MET A 195 7.40 -38.91 -20.70
C MET A 195 6.00 -38.44 -21.09
N ASN A 196 5.01 -38.75 -20.27
CA ASN A 196 3.62 -38.40 -20.58
C ASN A 196 3.14 -37.11 -19.92
N LEU A 197 4.06 -36.36 -19.31
CA LEU A 197 3.70 -35.12 -18.65
C LEU A 197 3.35 -34.03 -19.65
N GLN A 198 2.39 -33.19 -19.29
CA GLN A 198 1.89 -32.15 -20.18
C GLN A 198 2.28 -30.76 -19.69
N ARG A 199 2.13 -30.53 -18.39
CA ARG A 199 2.41 -29.23 -17.79
C ARG A 199 3.90 -29.06 -17.54
N SER A 200 4.42 -27.90 -17.90
CA SER A 200 5.84 -27.59 -17.72
C SER A 200 6.21 -27.58 -16.24
N TYR A 201 5.27 -27.16 -15.39
CA TYR A 201 5.52 -27.14 -13.96
C TYR A 201 5.93 -28.50 -13.45
N THR A 202 5.17 -29.52 -13.82
CA THR A 202 5.43 -30.88 -13.38
C THR A 202 6.74 -31.42 -13.97
N VAL A 203 7.00 -31.05 -15.23
CA VAL A 203 8.24 -31.46 -15.89
C VAL A 203 9.47 -30.87 -15.19
N ALA A 204 9.33 -29.68 -14.66
CA ALA A 204 10.44 -29.02 -13.98
C ALA A 204 10.69 -29.57 -12.59
N ILE A 205 9.63 -29.74 -11.80
CA ILE A 205 9.76 -30.20 -10.42
C ILE A 205 10.12 -31.69 -10.35
N ALA A 206 9.50 -32.50 -11.21
CA ALA A 206 9.85 -33.91 -11.30
C ALA A 206 11.25 -34.04 -11.88
N GLY A 207 11.59 -33.12 -12.78
CA GLY A 207 12.91 -33.08 -13.38
C GLY A 207 13.99 -32.90 -12.32
N TYR A 208 13.79 -31.94 -11.43
CA TYR A 208 14.73 -31.70 -10.35
C TYR A 208 14.83 -32.92 -9.44
N ALA A 209 13.68 -33.51 -9.13
CA ALA A 209 13.63 -34.68 -8.26
C ALA A 209 14.43 -35.85 -8.84
N LEU A 210 14.32 -36.05 -10.15
CA LEU A 210 15.07 -37.10 -10.82
C LEU A 210 16.55 -36.76 -10.91
N ALA A 211 16.86 -35.49 -11.15
CA ALA A 211 18.24 -35.04 -11.27
C ALA A 211 19.04 -35.26 -9.99
N GLN A 212 18.43 -34.97 -8.84
CA GLN A 212 19.07 -35.22 -7.55
C GLN A 212 19.51 -36.68 -7.44
N MET A 213 18.78 -37.54 -8.13
CA MET A 213 19.00 -38.98 -8.09
C MET A 213 19.97 -39.44 -9.17
N GLY A 214 20.22 -38.58 -10.15
CA GLY A 214 21.03 -38.95 -11.30
C GLY A 214 20.24 -39.78 -12.29
N ARG A 215 18.91 -39.69 -12.20
CA ARG A 215 18.04 -40.47 -13.06
C ARG A 215 17.29 -39.63 -14.09
N LEU A 216 17.70 -38.38 -14.25
CA LEU A 216 17.19 -37.54 -15.32
C LEU A 216 18.14 -37.60 -16.50
N LYS A 217 17.92 -38.54 -17.39
CA LYS A 217 18.81 -38.72 -18.53
C LYS A 217 18.09 -39.27 -19.77
N GLY A 218 18.84 -39.41 -20.86
CA GLY A 218 18.28 -39.91 -22.10
C GLY A 218 17.06 -39.14 -22.54
N PRO A 219 15.96 -39.86 -22.84
CA PRO A 219 14.72 -39.25 -23.33
C PRO A 219 14.07 -38.35 -22.28
N LEU A 220 14.23 -38.68 -21.00
CA LEU A 220 13.67 -37.85 -19.93
C LEU A 220 14.38 -36.50 -19.90
N LEU A 221 15.70 -36.54 -19.89
CA LEU A 221 16.50 -35.32 -19.94
C LEU A 221 16.13 -34.49 -21.17
N ASN A 222 16.01 -35.15 -22.32
CA ASN A 222 15.64 -34.45 -23.54
C ASN A 222 14.27 -33.78 -23.43
N LYS A 223 13.31 -34.47 -22.84
CA LYS A 223 12.00 -33.86 -22.63
C LYS A 223 12.09 -32.64 -21.71
N PHE A 224 12.86 -32.78 -20.63
CA PHE A 224 13.06 -31.68 -19.69
C PHE A 224 13.59 -30.43 -20.39
N LEU A 225 14.60 -30.61 -21.24
CA LEU A 225 15.23 -29.48 -21.92
C LEU A 225 14.36 -28.87 -23.02
N THR A 226 13.68 -29.72 -23.79
CA THR A 226 12.85 -29.25 -24.89
C THR A 226 11.54 -28.63 -24.42
N THR A 227 11.16 -28.92 -23.18
CA THR A 227 9.92 -28.38 -22.62
C THR A 227 10.01 -26.87 -22.38
N ALA A 228 11.23 -26.38 -22.20
CA ALA A 228 11.44 -24.96 -21.93
C ALA A 228 11.15 -24.07 -23.14
N LYS A 229 10.81 -22.81 -22.88
CA LYS A 229 10.58 -21.84 -23.95
C LYS A 229 11.83 -21.00 -24.14
N ASP A 230 12.20 -20.77 -25.40
CA ASP A 230 13.38 -19.95 -25.72
C ASP A 230 14.60 -20.40 -24.92
N LYS A 231 14.60 -21.67 -24.51
CA LYS A 231 15.68 -22.24 -23.74
C LYS A 231 16.06 -21.41 -22.52
N ASN A 232 15.07 -20.72 -21.94
CA ASN A 232 15.35 -19.89 -20.77
C ASN A 232 14.25 -19.88 -19.69
N ARG A 233 13.18 -20.64 -19.90
CA ARG A 233 12.11 -20.71 -18.90
C ARG A 233 11.15 -21.88 -19.11
N TRP A 234 10.60 -22.37 -18.01
CA TRP A 234 9.51 -23.35 -18.03
C TRP A 234 8.24 -22.64 -17.61
N GLU A 235 7.27 -22.57 -18.52
CA GLU A 235 6.06 -21.80 -18.24
C GLU A 235 4.77 -22.48 -18.70
N ASP A 236 3.69 -22.19 -17.98
CA ASP A 236 2.36 -22.64 -18.34
C ASP A 236 1.43 -21.44 -18.26
N PRO A 237 0.37 -21.43 -19.09
CA PRO A 237 -0.62 -20.35 -19.01
C PRO A 237 -1.18 -20.27 -17.59
N GLY A 238 -1.28 -19.06 -17.06
CA GLY A 238 -1.83 -18.87 -15.72
C GLY A 238 -0.94 -18.02 -14.83
N LYS A 239 -1.04 -18.26 -13.52
CA LYS A 239 -0.27 -17.50 -12.54
C LYS A 239 1.22 -17.46 -12.86
N GLN A 240 1.78 -16.27 -12.94
CA GLN A 240 3.15 -16.12 -13.28
C GLN A 240 4.08 -16.62 -12.22
N LEU A 241 3.66 -16.52 -10.97
CA LEU A 241 4.46 -17.02 -9.86
C LEU A 241 4.79 -18.49 -10.01
N TYR A 242 3.86 -19.24 -10.60
CA TYR A 242 4.05 -20.67 -10.82
C TYR A 242 5.22 -20.93 -11.76
N ASN A 243 5.37 -20.07 -12.76
CA ASN A 243 6.46 -20.23 -13.73
C ASN A 243 7.82 -19.86 -13.13
N VAL A 244 7.82 -18.86 -12.25
CA VAL A 244 9.03 -18.51 -11.53
C VAL A 244 9.47 -19.69 -10.68
N GLU A 245 8.50 -20.31 -10.01
CA GLU A 245 8.75 -21.49 -9.19
C GLU A 245 9.25 -22.66 -10.04
N ALA A 246 8.56 -22.92 -11.14
CA ALA A 246 8.91 -24.02 -12.03
C ALA A 246 10.32 -23.84 -12.59
N THR A 247 10.63 -22.63 -13.03
CA THR A 247 11.95 -22.34 -13.62
C THR A 247 13.06 -22.43 -12.58
N SER A 248 12.75 -22.10 -11.32
CA SER A 248 13.71 -22.25 -10.24
C SER A 248 14.04 -23.74 -10.03
N TYR A 249 13.00 -24.57 -9.98
CA TYR A 249 13.20 -26.01 -9.94
C TYR A 249 14.06 -26.49 -11.11
N ALA A 250 13.77 -25.95 -12.29
CA ALA A 250 14.51 -26.32 -13.51
C ALA A 250 15.97 -25.93 -13.41
N LEU A 251 16.23 -24.71 -12.96
CA LEU A 251 17.61 -24.25 -12.80
C LEU A 251 18.39 -25.17 -11.86
N LEU A 252 17.76 -25.55 -10.75
CA LEU A 252 18.37 -26.45 -9.79
C LEU A 252 18.66 -27.81 -10.42
N ALA A 253 17.76 -28.27 -11.28
CA ALA A 253 17.99 -29.48 -12.04
C ALA A 253 19.23 -29.33 -12.93
N LEU A 254 19.29 -28.23 -13.67
CA LEU A 254 20.43 -27.93 -14.53
C LEU A 254 21.74 -27.95 -13.76
N LEU A 255 21.72 -27.35 -12.57
CA LEU A 255 22.92 -27.32 -11.72
C LEU A 255 23.29 -28.71 -11.25
N GLN A 256 22.28 -29.56 -11.05
CA GLN A 256 22.50 -30.93 -10.62
C GLN A 256 23.10 -31.74 -11.77
N LEU A 257 22.78 -31.34 -13.00
CA LEU A 257 23.30 -31.99 -14.19
C LEU A 257 24.67 -31.42 -14.54
N LYS A 258 25.04 -30.33 -13.87
CA LYS A 258 26.29 -29.63 -14.16
C LYS A 258 26.31 -29.15 -15.62
N ASP A 259 25.13 -29.01 -16.21
CA ASP A 259 24.98 -28.49 -17.56
C ASP A 259 25.13 -26.97 -17.54
N PHE A 260 26.34 -26.50 -17.30
CA PHE A 260 26.59 -25.07 -17.13
C PHE A 260 26.49 -24.28 -18.42
N ASP A 261 26.28 -24.98 -19.54
CA ASP A 261 26.09 -24.32 -20.82
C ASP A 261 24.66 -23.82 -20.98
N PHE A 262 23.72 -24.52 -20.33
CA PHE A 262 22.30 -24.20 -20.46
C PHE A 262 21.86 -23.17 -19.41
N VAL A 263 22.68 -23.02 -18.38
CA VAL A 263 22.32 -22.20 -17.22
C VAL A 263 22.16 -20.69 -17.49
N PRO A 264 23.15 -20.05 -18.13
CA PRO A 264 23.16 -18.58 -18.25
C PRO A 264 21.83 -17.95 -18.71
N PRO A 265 21.22 -18.45 -19.79
CA PRO A 265 19.97 -17.82 -20.22
C PRO A 265 18.85 -17.98 -19.19
N VAL A 266 18.83 -19.13 -18.50
CA VAL A 266 17.82 -19.39 -17.48
C VAL A 266 17.99 -18.44 -16.29
N VAL A 267 19.22 -18.34 -15.79
CA VAL A 267 19.51 -17.42 -14.69
C VAL A 267 19.15 -15.99 -15.08
N ARG A 268 19.48 -15.62 -16.32
CA ARG A 268 19.19 -14.29 -16.81
C ARG A 268 17.69 -14.00 -16.77
N TRP A 269 16.90 -14.97 -17.21
CA TRP A 269 15.45 -14.79 -17.24
C TRP A 269 14.86 -14.65 -15.83
N LEU A 270 15.35 -15.44 -14.89
CA LEU A 270 14.91 -15.33 -13.50
C LEU A 270 15.22 -13.94 -12.95
N ASN A 271 16.38 -13.40 -13.30
CA ASN A 271 16.76 -12.07 -12.88
C ASN A 271 15.91 -11.01 -13.55
N GLU A 272 15.73 -11.13 -14.86
CA GLU A 272 14.93 -10.20 -15.63
C GLU A 272 13.50 -10.14 -15.12
N GLN A 273 13.08 -11.17 -14.39
CA GLN A 273 11.77 -11.19 -13.77
C GLN A 273 11.69 -10.15 -12.66
N ARG A 274 12.85 -9.75 -12.16
CA ARG A 274 12.93 -8.78 -11.06
C ARG A 274 11.92 -9.11 -9.97
N TYR A 275 11.84 -10.39 -9.63
CA TYR A 275 10.98 -10.86 -8.56
C TYR A 275 11.77 -10.89 -7.25
N TYR A 276 11.20 -10.29 -6.20
CA TYR A 276 11.92 -10.15 -4.94
C TYR A 276 11.19 -10.80 -3.77
N GLY A 277 10.26 -11.70 -4.08
CA GLY A 277 9.58 -12.47 -3.06
C GLY A 277 8.54 -11.71 -2.28
N GLY A 278 7.83 -12.40 -1.41
CA GLY A 278 6.77 -11.79 -0.64
C GLY A 278 5.52 -11.58 -1.47
N GLY A 279 4.43 -11.24 -0.81
CA GLY A 279 3.16 -11.05 -1.48
C GLY A 279 2.27 -12.25 -1.25
N TYR A 280 1.01 -12.13 -1.67
CA TYR A 280 0.06 -13.22 -1.51
C TYR A 280 0.48 -14.45 -2.33
N GLY A 281 0.34 -15.62 -1.73
CA GLY A 281 0.67 -16.88 -2.39
C GLY A 281 2.07 -16.95 -2.97
N SER A 282 3.03 -16.35 -2.27
CA SER A 282 4.40 -16.26 -2.77
C SER A 282 5.35 -17.27 -2.14
N THR A 283 4.83 -18.12 -1.27
CA THR A 283 5.68 -19.00 -0.48
C THR A 283 6.65 -19.86 -1.30
N GLN A 284 6.12 -20.66 -2.22
CA GLN A 284 6.98 -21.54 -3.01
C GLN A 284 7.90 -20.76 -3.93
N ALA A 285 7.35 -19.78 -4.63
CA ALA A 285 8.15 -18.94 -5.53
C ALA A 285 9.33 -18.31 -4.79
N THR A 286 9.07 -17.80 -3.59
CA THR A 286 10.10 -17.11 -2.82
C THR A 286 11.20 -18.07 -2.36
N PHE A 287 10.79 -19.20 -1.81
CA PHE A 287 11.76 -20.18 -1.34
C PHE A 287 12.59 -20.71 -2.51
N MET A 288 11.92 -21.03 -3.60
CA MET A 288 12.58 -21.69 -4.72
C MET A 288 13.52 -20.77 -5.50
N VAL A 289 13.10 -19.55 -5.78
CA VAL A 289 13.92 -18.66 -6.60
C VAL A 289 15.24 -18.34 -5.91
N PHE A 290 15.21 -18.11 -4.60
CA PHE A 290 16.42 -17.76 -3.87
C PHE A 290 17.26 -18.99 -3.50
N GLN A 291 16.61 -20.14 -3.39
CA GLN A 291 17.37 -21.38 -3.24
C GLN A 291 18.11 -21.66 -4.55
N ALA A 292 17.41 -21.44 -5.66
CA ALA A 292 17.97 -21.70 -6.98
C ALA A 292 19.15 -20.76 -7.29
N LEU A 293 18.94 -19.47 -7.10
CA LEU A 293 19.96 -18.47 -7.38
C LEU A 293 21.14 -18.59 -6.42
N ALA A 294 20.88 -18.94 -5.17
CA ALA A 294 21.95 -19.17 -4.21
C ALA A 294 22.80 -20.35 -4.65
N GLN A 295 22.14 -21.41 -5.13
CA GLN A 295 22.85 -22.59 -5.60
C GLN A 295 23.69 -22.25 -6.82
N TYR A 296 23.18 -21.38 -7.68
CA TYR A 296 23.91 -20.93 -8.86
C TYR A 296 25.23 -20.27 -8.46
N GLN A 297 25.19 -19.41 -7.45
CA GLN A 297 26.39 -18.75 -6.94
C GLN A 297 27.35 -19.73 -6.29
N LYS A 298 26.84 -20.69 -5.57
CA LYS A 298 27.68 -21.66 -5.00
C LYS A 298 28.45 -22.38 -6.09
N ASP A 299 27.76 -22.82 -7.13
CA ASP A 299 28.32 -23.70 -8.15
C ASP A 299 29.17 -22.98 -9.20
N ALA A 300 28.63 -21.89 -9.74
CA ALA A 300 29.34 -21.14 -10.78
C ALA A 300 30.77 -20.80 -10.38
N PRO A 301 31.73 -21.09 -11.27
CA PRO A 301 31.46 -21.70 -12.58
C PRO A 301 31.73 -23.20 -12.56
N LEU B 17 -35.59 6.86 -26.09
CA LEU B 17 -36.69 7.79 -26.27
C LEU B 17 -37.81 7.49 -25.27
N ILE B 18 -37.88 6.25 -24.83
CA ILE B 18 -38.79 5.84 -23.77
C ILE B 18 -38.57 6.70 -22.53
N VAL B 19 -39.65 7.21 -21.95
CA VAL B 19 -39.53 8.02 -20.74
C VAL B 19 -39.24 7.16 -19.52
N THR B 20 -38.12 7.45 -18.87
CA THR B 20 -37.71 6.74 -17.68
C THR B 20 -37.20 7.74 -16.67
N PRO B 21 -37.47 7.51 -15.38
CA PRO B 21 -36.91 8.39 -14.35
C PRO B 21 -35.39 8.37 -14.43
N SER B 22 -34.74 9.39 -13.91
CA SER B 22 -33.28 9.43 -13.92
C SER B 22 -32.69 9.83 -12.57
N GLY B 23 -32.83 8.94 -11.59
CA GLY B 23 -32.21 9.15 -10.30
C GLY B 23 -30.74 8.80 -10.35
N ALA B 24 -29.91 9.81 -10.63
CA ALA B 24 -28.48 9.62 -10.80
C ALA B 24 -27.81 8.95 -9.60
N GLY B 25 -28.32 9.23 -8.40
CA GLY B 25 -27.78 8.62 -7.20
C GLY B 25 -27.93 7.10 -7.21
N GLU B 26 -28.92 6.62 -7.94
CA GLU B 26 -29.12 5.18 -8.10
C GLU B 26 -28.44 4.69 -9.37
N GLN B 27 -28.60 5.46 -10.45
CA GLN B 27 -28.06 5.07 -11.75
C GLN B 27 -26.55 4.90 -11.74
N ASN B 28 -25.86 5.74 -10.98
CA ASN B 28 -24.41 5.64 -10.89
C ASN B 28 -23.97 4.31 -10.30
N MET B 29 -24.72 3.83 -9.33
CA MET B 29 -24.44 2.53 -8.72
C MET B 29 -24.73 1.38 -9.70
N ILE B 30 -25.78 1.55 -10.51
CA ILE B 30 -26.06 0.61 -11.59
C ILE B 30 -24.87 0.52 -12.55
N GLY B 31 -24.35 1.67 -12.95
CA GLY B 31 -23.21 1.72 -13.85
C GLY B 31 -21.92 1.26 -13.19
N MET B 32 -21.85 1.37 -11.87
CA MET B 32 -20.64 1.05 -11.14
C MET B 32 -20.49 -0.45 -10.86
N THR B 33 -21.62 -1.15 -10.83
CA THR B 33 -21.64 -2.56 -10.43
C THR B 33 -20.82 -3.51 -11.32
N PRO B 34 -21.05 -3.47 -12.64
CA PRO B 34 -20.31 -4.38 -13.54
C PRO B 34 -18.79 -4.26 -13.38
N THR B 35 -18.29 -3.04 -13.28
CA THR B 35 -16.85 -2.82 -13.14
C THR B 35 -16.33 -3.39 -11.83
N VAL B 36 -16.96 -3.02 -10.73
CA VAL B 36 -16.52 -3.45 -9.40
C VAL B 36 -16.47 -4.96 -9.27
N ILE B 37 -17.55 -5.62 -9.66
CA ILE B 37 -17.64 -7.06 -9.46
C ILE B 37 -16.74 -7.84 -10.41
N ALA B 38 -16.41 -7.24 -11.54
CA ALA B 38 -15.51 -7.87 -12.51
C ALA B 38 -14.08 -7.87 -11.98
N VAL B 39 -13.64 -6.73 -11.48
CA VAL B 39 -12.33 -6.63 -10.86
C VAL B 39 -12.26 -7.54 -9.64
N HIS B 40 -13.38 -7.64 -8.93
CA HIS B 40 -13.47 -8.51 -7.77
C HIS B 40 -13.28 -9.97 -8.20
N TYR B 41 -14.03 -10.39 -9.21
CA TYR B 41 -13.95 -11.74 -9.73
C TYR B 41 -12.55 -12.13 -10.16
N LEU B 42 -11.90 -11.24 -10.90
CA LEU B 42 -10.56 -11.51 -11.43
C LEU B 42 -9.47 -11.51 -10.36
N ASP B 43 -9.66 -10.73 -9.31
CA ASP B 43 -8.73 -10.71 -8.20
C ASP B 43 -8.82 -12.00 -7.38
N GLU B 44 -10.05 -12.42 -7.11
CA GLU B 44 -10.30 -13.57 -6.24
C GLU B 44 -9.96 -14.89 -6.90
N THR B 45 -10.06 -14.93 -8.22
CA THR B 45 -9.72 -16.14 -8.98
C THR B 45 -8.34 -16.00 -9.60
N GLU B 46 -7.75 -14.82 -9.45
CA GLU B 46 -6.42 -14.55 -9.98
C GLU B 46 -6.32 -14.95 -11.45
N GLN B 47 -7.20 -14.38 -12.27
CA GLN B 47 -7.23 -14.67 -13.69
C GLN B 47 -6.93 -13.43 -14.52
N TRP B 48 -6.18 -12.50 -13.94
CA TRP B 48 -5.77 -11.29 -14.65
C TRP B 48 -4.74 -11.57 -15.74
N GLU B 49 -3.94 -12.62 -15.55
CA GLU B 49 -2.90 -12.96 -16.51
CA GLU B 49 -2.90 -12.97 -16.51
C GLU B 49 -3.49 -13.30 -17.88
N LYS B 50 -4.50 -14.17 -17.88
CA LYS B 50 -5.13 -14.61 -19.12
C LYS B 50 -6.22 -13.66 -19.60
N PHE B 51 -6.45 -12.59 -18.85
CA PHE B 51 -7.44 -11.59 -19.26
C PHE B 51 -6.74 -10.36 -19.80
N GLY B 52 -5.67 -9.93 -19.12
CA GLY B 52 -4.93 -8.76 -19.53
C GLY B 52 -4.56 -7.90 -18.34
N LEU B 53 -3.48 -8.27 -17.66
CA LEU B 53 -3.03 -7.56 -16.46
C LEU B 53 -2.90 -6.06 -16.71
N GLU B 54 -2.64 -5.70 -17.96
CA GLU B 54 -2.49 -4.29 -18.33
C GLU B 54 -3.81 -3.53 -18.17
N LYS B 55 -4.91 -4.26 -18.22
CA LYS B 55 -6.25 -3.65 -18.19
C LYS B 55 -6.72 -3.31 -16.79
N ARG B 56 -6.01 -3.80 -15.78
CA ARG B 56 -6.46 -3.65 -14.39
C ARG B 56 -6.38 -2.22 -13.89
N GLN B 57 -5.29 -1.53 -14.21
CA GLN B 57 -5.10 -0.16 -13.75
C GLN B 57 -6.26 0.74 -14.18
N GLY B 58 -6.67 0.60 -15.45
CA GLY B 58 -7.75 1.40 -16.00
C GLY B 58 -9.11 1.04 -15.43
N ALA B 59 -9.28 -0.22 -15.04
CA ALA B 59 -10.51 -0.66 -14.40
C ALA B 59 -10.61 -0.04 -13.00
N LEU B 60 -9.48 0.01 -12.32
CA LEU B 60 -9.41 0.62 -10.99
C LEU B 60 -9.76 2.10 -11.06
N GLU B 61 -9.33 2.76 -12.13
CA GLU B 61 -9.60 4.19 -12.28
C GLU B 61 -11.06 4.46 -12.66
N LEU B 62 -11.70 3.49 -13.30
CA LEU B 62 -13.12 3.58 -13.56
C LEU B 62 -13.88 3.47 -12.24
N ILE B 63 -13.47 2.53 -11.40
CA ILE B 63 -14.07 2.34 -10.08
C ILE B 63 -13.92 3.58 -9.21
N LYS B 64 -12.74 4.21 -9.29
CA LYS B 64 -12.50 5.44 -8.55
C LYS B 64 -13.46 6.53 -9.02
N LYS B 65 -13.67 6.60 -10.34
CA LYS B 65 -14.62 7.54 -10.92
C LYS B 65 -16.04 7.29 -10.43
N GLY B 66 -16.44 6.03 -10.41
CA GLY B 66 -17.77 5.66 -9.93
C GLY B 66 -17.96 6.05 -8.48
N TYR B 67 -16.95 5.75 -7.68
CA TYR B 67 -16.99 6.07 -6.26
C TYR B 67 -17.03 7.57 -6.03
N THR B 68 -16.25 8.32 -6.80
CA THR B 68 -16.17 9.76 -6.64
C THR B 68 -17.51 10.42 -6.94
N GLN B 69 -18.09 10.04 -8.07
CA GLN B 69 -19.41 10.56 -8.48
C GLN B 69 -20.51 10.27 -7.46
N GLN B 70 -20.43 9.11 -6.81
CA GLN B 70 -21.44 8.71 -5.82
C GLN B 70 -21.42 9.59 -4.58
N LEU B 71 -20.27 10.19 -4.28
CA LEU B 71 -20.13 11.04 -3.11
C LEU B 71 -21.03 12.27 -3.20
N ALA B 72 -21.36 12.66 -4.42
CA ALA B 72 -22.20 13.83 -4.64
C ALA B 72 -23.65 13.59 -4.20
N PHE B 73 -23.99 12.31 -4.03
CA PHE B 73 -25.33 11.95 -3.62
C PHE B 73 -25.36 11.48 -2.17
N ARG B 74 -24.22 11.64 -1.49
CA ARG B 74 -24.15 11.39 -0.07
C ARG B 74 -24.73 12.59 0.67
N GLN B 75 -25.80 12.37 1.39
CA GLN B 75 -26.46 13.46 2.10
C GLN B 75 -25.77 13.68 3.44
N PRO B 76 -26.04 14.83 4.10
CA PRO B 76 -25.37 15.15 5.36
C PRO B 76 -25.52 14.05 6.39
N SER B 77 -26.55 13.23 6.23
CA SER B 77 -26.82 12.13 7.15
C SER B 77 -25.91 10.94 6.92
N SER B 78 -25.18 10.97 5.81
CA SER B 78 -24.31 9.86 5.37
C SER B 78 -25.09 8.79 4.60
N ALA B 79 -26.35 9.08 4.30
CA ALA B 79 -27.19 8.13 3.58
C ALA B 79 -27.33 8.56 2.11
N PHE B 80 -27.78 7.65 1.27
CA PHE B 80 -27.82 7.92 -0.17
C PHE B 80 -29.22 7.87 -0.75
N ALA B 81 -29.47 8.72 -1.75
CA ALA B 81 -30.73 8.73 -2.47
C ALA B 81 -30.47 9.09 -3.93
N ALA B 82 -31.45 8.80 -4.78
CA ALA B 82 -31.35 9.09 -6.21
C ALA B 82 -31.15 10.59 -6.48
N PHE B 83 -31.83 11.41 -5.68
CA PHE B 83 -31.73 12.86 -5.77
C PHE B 83 -31.40 13.38 -4.37
N VAL B 84 -30.69 14.51 -4.29
CA VAL B 84 -30.38 15.08 -2.98
C VAL B 84 -31.62 15.63 -2.28
N LYS B 85 -32.66 15.92 -3.04
CA LYS B 85 -33.92 16.40 -2.47
C LYS B 85 -34.92 15.27 -2.25
N ARG B 86 -34.42 14.04 -2.30
CA ARG B 86 -35.26 12.88 -2.04
C ARG B 86 -34.80 12.22 -0.74
N ALA B 87 -35.74 11.65 0.00
CA ALA B 87 -35.41 10.98 1.26
C ALA B 87 -34.50 9.79 0.96
N PRO B 88 -33.46 9.59 1.80
CA PRO B 88 -32.50 8.51 1.58
C PRO B 88 -33.15 7.14 1.60
N SER B 89 -32.67 6.24 0.75
CA SER B 89 -33.18 4.88 0.69
C SER B 89 -32.38 3.94 1.58
N THR B 90 -33.09 3.09 2.31
CA THR B 90 -32.45 2.06 3.12
C THR B 90 -31.73 1.04 2.24
N TRP B 91 -32.42 0.57 1.21
CA TRP B 91 -31.83 -0.41 0.30
C TRP B 91 -30.62 0.15 -0.45
N LEU B 92 -30.74 1.39 -0.94
CA LEU B 92 -29.66 1.99 -1.74
C LEU B 92 -28.42 2.23 -0.88
N THR B 93 -28.62 2.76 0.32
CA THR B 93 -27.52 3.01 1.23
C THR B 93 -26.83 1.68 1.57
N ALA B 94 -27.62 0.63 1.74
CA ALA B 94 -27.05 -0.68 2.07
C ALA B 94 -26.25 -1.24 0.90
N TYR B 95 -26.75 -1.02 -0.31
CA TYR B 95 -26.06 -1.48 -1.50
C TYR B 95 -24.74 -0.74 -1.71
N VAL B 96 -24.76 0.57 -1.47
CA VAL B 96 -23.53 1.37 -1.55
C VAL B 96 -22.48 0.84 -0.58
N VAL B 97 -22.91 0.52 0.64
CA VAL B 97 -22.01 -0.06 1.64
C VAL B 97 -21.41 -1.35 1.14
N LYS B 98 -22.26 -2.21 0.58
CA LYS B 98 -21.82 -3.50 0.06
C LYS B 98 -20.79 -3.30 -1.05
N VAL B 99 -21.12 -2.45 -2.03
CA VAL B 99 -20.24 -2.21 -3.17
C VAL B 99 -18.93 -1.55 -2.77
N PHE B 100 -19.00 -0.54 -1.90
CA PHE B 100 -17.80 0.16 -1.44
C PHE B 100 -16.91 -0.75 -0.61
N SER B 101 -17.54 -1.66 0.15
CA SER B 101 -16.79 -2.62 0.97
C SER B 101 -15.89 -3.51 0.11
N LEU B 102 -16.44 -4.00 -0.99
CA LEU B 102 -15.68 -4.82 -1.93
C LEU B 102 -14.54 -4.05 -2.55
N ALA B 103 -14.54 -2.74 -2.37
CA ALA B 103 -13.57 -1.88 -3.03
C ALA B 103 -12.57 -1.24 -2.07
N VAL B 104 -12.64 -1.58 -0.78
CA VAL B 104 -11.78 -0.93 0.21
C VAL B 104 -10.29 -1.08 -0.08
N ASN B 105 -9.90 -2.22 -0.66
CA ASN B 105 -8.50 -2.44 -1.00
C ASN B 105 -8.23 -2.35 -2.50
N LEU B 106 -9.22 -1.86 -3.26
CA LEU B 106 -9.04 -1.61 -4.69
C LEU B 106 -8.71 -0.14 -4.93
N ILE B 107 -9.42 0.74 -4.23
CA ILE B 107 -9.17 2.16 -4.29
C ILE B 107 -9.26 2.77 -2.90
N ALA B 108 -9.04 4.08 -2.82
CA ALA B 108 -9.09 4.78 -1.54
C ALA B 108 -10.54 5.10 -1.14
N ILE B 109 -11.10 4.27 -0.28
CA ILE B 109 -12.43 4.53 0.27
C ILE B 109 -12.32 5.26 1.60
N ASP B 110 -12.95 6.43 1.68
CA ASP B 110 -13.01 7.17 2.93
C ASP B 110 -13.93 6.44 3.91
N SER B 111 -13.34 5.96 5.00
CA SER B 111 -14.07 5.13 5.95
CA SER B 111 -13.97 5.13 5.98
C SER B 111 -15.23 5.88 6.61
N GLN B 112 -15.13 7.21 6.67
CA GLN B 112 -16.22 8.01 7.21
C GLN B 112 -17.46 7.90 6.32
N VAL B 113 -17.22 7.77 5.02
CA VAL B 113 -18.31 7.56 4.06
C VAL B 113 -18.95 6.20 4.28
N LEU B 114 -18.11 5.17 4.37
CA LEU B 114 -18.57 3.81 4.53
C LEU B 114 -19.22 3.58 5.90
N CYS B 115 -18.51 3.98 6.95
CA CYS B 115 -18.95 3.72 8.31
C CYS B 115 -20.08 4.64 8.72
N GLY B 116 -20.11 5.84 8.12
CA GLY B 116 -21.20 6.76 8.33
C GLY B 116 -22.50 6.18 7.81
N ALA B 117 -22.46 5.63 6.60
CA ALA B 117 -23.61 4.96 6.01
C ALA B 117 -24.06 3.79 6.88
N VAL B 118 -23.09 3.01 7.35
CA VAL B 118 -23.37 1.89 8.23
C VAL B 118 -24.08 2.33 9.51
N LYS B 119 -23.59 3.41 10.11
CA LYS B 119 -24.15 3.88 11.37
C LYS B 119 -25.57 4.42 11.20
N TRP B 120 -25.81 5.06 10.07
CA TRP B 120 -27.14 5.59 9.76
C TRP B 120 -28.16 4.45 9.66
N LEU B 121 -27.76 3.38 8.99
CA LEU B 121 -28.62 2.19 8.90
C LEU B 121 -28.95 1.68 10.30
N ILE B 122 -27.95 1.64 11.17
CA ILE B 122 -28.11 1.11 12.50
C ILE B 122 -28.95 2.01 13.40
N LEU B 123 -28.63 3.30 13.39
CA LEU B 123 -29.26 4.25 14.31
C LEU B 123 -30.64 4.70 13.84
N GLU B 124 -30.88 4.65 12.54
CA GLU B 124 -32.11 5.22 11.99
C GLU B 124 -33.09 4.19 11.44
N LYS B 125 -32.58 3.18 10.74
CA LYS B 125 -33.45 2.32 9.93
C LYS B 125 -33.68 0.92 10.48
N GLN B 126 -33.08 0.60 11.62
CA GLN B 126 -33.35 -0.70 12.22
C GLN B 126 -34.43 -0.60 13.29
N LYS B 127 -35.39 -1.53 13.24
CA LYS B 127 -36.48 -1.57 14.19
C LYS B 127 -36.09 -2.38 15.43
N PRO B 128 -36.82 -2.18 16.53
CA PRO B 128 -36.53 -2.78 17.84
C PRO B 128 -36.35 -4.30 17.80
N ASP B 129 -37.06 -4.99 16.92
CA ASP B 129 -36.96 -6.44 16.84
C ASP B 129 -35.89 -6.91 15.84
N GLY B 130 -35.15 -5.96 15.27
CA GLY B 130 -34.04 -6.29 14.39
C GLY B 130 -34.27 -6.04 12.91
N VAL B 131 -35.52 -5.77 12.55
CA VAL B 131 -35.89 -5.55 11.15
C VAL B 131 -35.33 -4.25 10.60
N PHE B 132 -34.88 -4.28 9.35
CA PHE B 132 -34.50 -3.05 8.65
C PHE B 132 -35.62 -2.61 7.73
N GLN B 133 -36.01 -1.35 7.86
CA GLN B 133 -37.18 -0.83 7.17
C GLN B 133 -36.81 0.18 6.09
N GLU B 134 -37.55 0.14 4.98
CA GLU B 134 -37.40 1.12 3.91
C GLU B 134 -38.46 2.21 4.04
N ASP B 135 -38.01 3.45 4.19
CA ASP B 135 -38.95 4.58 4.30
C ASP B 135 -39.00 5.41 3.01
N ALA B 136 -38.11 5.09 2.06
CA ALA B 136 -38.07 5.79 0.78
C ALA B 136 -37.54 4.87 -0.31
N PRO B 137 -38.44 4.08 -0.92
CA PRO B 137 -38.05 3.06 -1.90
C PRO B 137 -37.28 3.68 -3.06
N VAL B 138 -36.35 2.93 -3.63
CA VAL B 138 -35.59 3.44 -4.77
C VAL B 138 -36.50 3.64 -5.97
N ILE B 139 -36.20 4.65 -6.77
CA ILE B 139 -36.97 4.93 -7.97
C ILE B 139 -36.78 3.84 -9.02
N HIS B 140 -35.52 3.45 -9.25
CA HIS B 140 -35.22 2.44 -10.26
C HIS B 140 -35.33 1.03 -9.69
N GLN B 141 -36.57 0.59 -9.51
CA GLN B 141 -36.87 -0.70 -8.86
C GLN B 141 -36.21 -1.91 -9.53
N GLU B 142 -35.81 -1.76 -10.78
CA GLU B 142 -35.22 -2.87 -11.52
C GLU B 142 -33.85 -3.26 -10.96
N MET B 143 -33.17 -2.32 -10.31
CA MET B 143 -31.80 -2.57 -9.84
C MET B 143 -31.73 -3.40 -8.56
N ILE B 144 -32.89 -3.66 -7.95
CA ILE B 144 -32.91 -4.37 -6.65
C ILE B 144 -33.21 -5.86 -6.81
N GLY B 145 -33.26 -6.32 -8.05
CA GLY B 145 -33.48 -7.73 -8.35
C GLY B 145 -34.71 -8.34 -7.71
N GLY B 146 -34.55 -9.57 -7.23
CA GLY B 146 -35.65 -10.34 -6.67
C GLY B 146 -36.39 -9.67 -5.54
N LEU B 147 -35.75 -8.72 -4.88
CA LEU B 147 -36.37 -8.00 -3.76
C LEU B 147 -37.59 -7.21 -4.22
N ARG B 148 -37.61 -6.85 -5.50
CA ARG B 148 -38.75 -6.13 -6.05
C ARG B 148 -40.05 -6.88 -5.82
N ASN B 149 -39.95 -8.20 -5.71
CA ASN B 149 -41.09 -9.02 -5.35
C ASN B 149 -41.78 -8.50 -4.09
N ASN B 150 -43.11 -8.53 -4.10
CA ASN B 150 -43.91 -7.89 -3.06
C ASN B 150 -43.70 -8.45 -1.64
N ASN B 151 -44.21 -9.66 -1.39
CA ASN B 151 -44.28 -10.21 -0.03
C ASN B 151 -42.96 -10.67 0.59
N GLU B 152 -42.96 -10.74 1.92
CA GLU B 152 -41.77 -11.15 2.68
C GLU B 152 -40.65 -10.12 2.60
N LYS B 153 -41.02 -8.85 2.51
CA LYS B 153 -40.05 -7.78 2.41
C LYS B 153 -39.25 -7.61 3.69
N ASP B 154 -39.90 -7.80 4.83
CA ASP B 154 -39.24 -7.68 6.12
C ASP B 154 -38.04 -8.62 6.24
N MET B 155 -38.24 -9.88 5.87
CA MET B 155 -37.18 -10.88 5.94
C MET B 155 -36.11 -10.67 4.88
N ALA B 156 -36.56 -10.48 3.63
CA ALA B 156 -35.63 -10.33 2.51
C ALA B 156 -34.74 -9.10 2.65
N LEU B 157 -35.34 -7.95 3.00
CA LEU B 157 -34.60 -6.70 3.15
C LEU B 157 -33.68 -6.71 4.38
N THR B 158 -34.18 -7.26 5.49
CA THR B 158 -33.36 -7.39 6.69
C THR B 158 -32.16 -8.26 6.35
N ALA B 159 -32.39 -9.31 5.57
CA ALA B 159 -31.31 -10.17 5.11
C ALA B 159 -30.32 -9.40 4.24
N PHE B 160 -30.84 -8.67 3.26
CA PHE B 160 -30.00 -7.88 2.36
C PHE B 160 -29.14 -6.87 3.13
N VAL B 161 -29.76 -6.10 4.02
CA VAL B 161 -29.03 -5.12 4.81
C VAL B 161 -28.01 -5.77 5.73
N LEU B 162 -28.41 -6.85 6.41
CA LEU B 162 -27.50 -7.58 7.28
C LEU B 162 -26.26 -8.05 6.52
N ILE B 163 -26.47 -8.52 5.31
CA ILE B 163 -25.35 -8.96 4.47
C ILE B 163 -24.39 -7.80 4.23
N SER B 164 -24.93 -6.61 4.01
CA SER B 164 -24.09 -5.43 3.82
C SER B 164 -23.32 -5.05 5.09
N LEU B 165 -24.00 -5.12 6.23
CA LEU B 165 -23.35 -4.82 7.51
C LEU B 165 -22.18 -5.78 7.74
N GLN B 166 -22.37 -7.04 7.38
CA GLN B 166 -21.33 -8.05 7.54
C GLN B 166 -20.10 -7.74 6.70
N GLU B 167 -20.33 -7.28 5.47
CA GLU B 167 -19.23 -6.89 4.59
C GLU B 167 -18.41 -5.75 5.18
N ALA B 168 -19.04 -4.94 6.04
CA ALA B 168 -18.39 -3.75 6.59
C ALA B 168 -17.91 -3.95 8.02
N LYS B 169 -18.19 -5.12 8.60
CA LYS B 169 -17.87 -5.37 10.01
C LYS B 169 -16.42 -5.11 10.39
N ASP B 170 -15.48 -5.84 9.76
CA ASP B 170 -14.06 -5.68 10.06
C ASP B 170 -13.62 -4.24 9.89
N ILE B 171 -14.13 -3.62 8.84
CA ILE B 171 -13.69 -2.28 8.44
C ILE B 171 -14.22 -1.20 9.37
N CYS B 172 -15.43 -1.40 9.91
CA CYS B 172 -16.11 -0.35 10.64
C CYS B 172 -16.31 -0.63 12.13
N GLU B 173 -15.93 -1.83 12.58
CA GLU B 173 -16.09 -2.18 13.99
C GLU B 173 -15.45 -1.16 14.92
N GLU B 174 -14.28 -0.66 14.54
CA GLU B 174 -13.55 0.28 15.36
C GLU B 174 -14.23 1.65 15.39
N GLN B 175 -14.87 2.01 14.28
CA GLN B 175 -15.52 3.30 14.16
C GLN B 175 -16.99 3.28 14.57
N VAL B 176 -17.59 2.09 14.60
CA VAL B 176 -19.01 1.95 14.91
C VAL B 176 -19.22 0.84 15.92
N ASN B 177 -19.22 1.18 17.20
N ASN B 177 -19.21 1.20 17.20
CA ASN B 177 -19.29 0.16 18.25
CA ASN B 177 -19.32 0.25 18.30
C ASN B 177 -20.65 -0.52 18.38
C ASN B 177 -20.63 -0.54 18.29
N SER B 178 -21.71 0.10 17.84
CA SER B 178 -23.04 -0.52 17.84
C SER B 178 -23.20 -1.59 16.77
N LEU B 179 -22.21 -1.68 15.88
CA LEU B 179 -22.30 -2.56 14.71
C LEU B 179 -22.57 -4.04 15.02
N PRO B 180 -21.75 -4.64 15.89
CA PRO B 180 -21.93 -6.08 16.18
C PRO B 180 -23.30 -6.41 16.76
N GLY B 181 -23.79 -5.58 17.66
CA GLY B 181 -25.07 -5.80 18.28
C GLY B 181 -26.25 -5.67 17.33
N SER B 182 -26.10 -4.78 16.35
CA SER B 182 -27.13 -4.60 15.33
C SER B 182 -27.18 -5.84 14.45
N ILE B 183 -26.01 -6.37 14.13
CA ILE B 183 -25.90 -7.59 13.35
C ILE B 183 -26.59 -8.75 14.06
N THR B 184 -26.36 -8.86 15.37
CA THR B 184 -26.95 -9.93 16.18
C THR B 184 -28.46 -9.77 16.22
N LYS B 185 -28.93 -8.58 16.45
CA LYS B 185 -30.32 -8.27 16.52
C LYS B 185 -31.03 -8.62 15.25
N ALA B 186 -30.45 -8.30 14.11
CA ALA B 186 -31.01 -8.66 12.81
C ALA B 186 -31.01 -10.18 12.63
N GLY B 187 -29.92 -10.80 13.05
CA GLY B 187 -29.80 -12.25 12.99
C GLY B 187 -30.91 -12.93 13.75
N ASP B 188 -31.22 -12.39 14.93
CA ASP B 188 -32.29 -12.92 15.76
C ASP B 188 -33.61 -12.94 15.03
N PHE B 189 -33.94 -11.84 14.36
CA PHE B 189 -35.21 -11.75 13.64
C PHE B 189 -35.26 -12.75 12.49
N LEU B 190 -34.15 -12.90 11.77
CA LEU B 190 -34.09 -13.85 10.67
C LEU B 190 -34.27 -15.28 11.16
N GLU B 191 -33.64 -15.60 12.30
CA GLU B 191 -33.69 -16.94 12.85
C GLU B 191 -35.06 -17.28 13.43
N ALA B 192 -35.82 -16.26 13.80
CA ALA B 192 -37.11 -16.45 14.45
C ALA B 192 -38.25 -16.59 13.45
N ASN B 193 -37.99 -16.31 12.18
CA ASN B 193 -39.04 -16.34 11.16
C ASN B 193 -38.64 -17.13 9.92
N TYR B 194 -37.42 -17.66 9.93
CA TYR B 194 -36.91 -18.42 8.79
C TYR B 194 -37.83 -19.59 8.45
N MET B 195 -38.38 -20.23 9.47
CA MET B 195 -39.22 -21.40 9.29
C MET B 195 -40.54 -21.09 8.57
N ASN B 196 -41.09 -19.91 8.81
CA ASN B 196 -42.36 -19.52 8.19
C ASN B 196 -42.22 -19.04 6.74
N LEU B 197 -41.00 -19.02 6.23
CA LEU B 197 -40.74 -18.55 4.88
C LEU B 197 -41.31 -19.50 3.82
N GLN B 198 -41.83 -18.92 2.74
CA GLN B 198 -42.48 -19.69 1.69
C GLN B 198 -41.78 -19.51 0.33
N ARG B 199 -41.06 -18.40 0.17
CA ARG B 199 -40.36 -18.11 -1.06
C ARG B 199 -38.95 -18.62 -1.04
N SER B 200 -38.48 -19.13 -2.16
CA SER B 200 -37.12 -19.66 -2.25
C SER B 200 -36.10 -18.53 -2.19
N TYR B 201 -36.44 -17.39 -2.77
CA TYR B 201 -35.56 -16.22 -2.78
C TYR B 201 -35.19 -15.83 -1.36
N THR B 202 -36.21 -15.68 -0.52
CA THR B 202 -36.01 -15.30 0.86
C THR B 202 -35.23 -16.37 1.60
N VAL B 203 -35.66 -17.61 1.48
CA VAL B 203 -34.96 -18.74 2.07
C VAL B 203 -33.49 -18.68 1.73
N ALA B 204 -33.20 -18.34 0.48
CA ALA B 204 -31.83 -18.29 -0.01
C ALA B 204 -31.04 -17.12 0.59
N ILE B 205 -31.54 -15.92 0.38
CA ILE B 205 -30.83 -14.73 0.85
C ILE B 205 -30.68 -14.72 2.37
N ALA B 206 -31.72 -15.13 3.07
CA ALA B 206 -31.67 -15.20 4.54
C ALA B 206 -30.85 -16.41 4.98
N GLY B 207 -30.77 -17.42 4.11
CA GLY B 207 -29.93 -18.57 4.38
C GLY B 207 -28.47 -18.18 4.45
N TYR B 208 -28.04 -17.43 3.45
CA TYR B 208 -26.65 -16.95 3.39
C TYR B 208 -26.32 -16.04 4.57
N ALA B 209 -27.26 -15.18 4.93
CA ALA B 209 -27.04 -14.25 6.03
C ALA B 209 -26.89 -15.01 7.36
N LEU B 210 -27.79 -15.97 7.58
CA LEU B 210 -27.72 -16.78 8.80
C LEU B 210 -26.50 -17.69 8.80
N ALA B 211 -26.22 -18.31 7.65
CA ALA B 211 -25.05 -19.16 7.52
C ALA B 211 -23.77 -18.40 7.83
N GLN B 212 -23.72 -17.15 7.41
CA GLN B 212 -22.56 -16.30 7.60
C GLN B 212 -22.24 -16.09 9.08
N MET B 213 -23.28 -16.08 9.91
CA MET B 213 -23.10 -15.94 11.35
C MET B 213 -23.00 -17.31 12.00
N GLY B 214 -22.99 -18.36 11.19
CA GLY B 214 -22.95 -19.72 11.68
C GLY B 214 -24.21 -20.04 12.47
N ARG B 215 -25.33 -19.46 12.05
CA ARG B 215 -26.59 -19.63 12.76
C ARG B 215 -27.65 -20.29 11.89
N LEU B 216 -27.21 -20.97 10.85
CA LEU B 216 -28.11 -21.74 9.99
C LEU B 216 -27.89 -23.23 10.23
N LYS B 217 -28.54 -23.76 11.25
CA LYS B 217 -28.35 -25.16 11.62
C LYS B 217 -29.67 -25.84 11.96
N GLY B 218 -29.62 -27.16 12.18
CA GLY B 218 -30.79 -27.93 12.55
C GLY B 218 -31.88 -27.90 11.49
N PRO B 219 -33.13 -27.66 11.91
CA PRO B 219 -34.27 -27.63 10.99
C PRO B 219 -34.15 -26.48 10.00
N LEU B 220 -33.48 -25.40 10.39
CA LEU B 220 -33.27 -24.26 9.50
C LEU B 220 -32.39 -24.67 8.33
N LEU B 221 -31.26 -25.30 8.65
CA LEU B 221 -30.34 -25.78 7.63
C LEU B 221 -31.04 -26.74 6.69
N ASN B 222 -31.88 -27.60 7.24
CA ASN B 222 -32.63 -28.57 6.46
C ASN B 222 -33.57 -27.90 5.46
N LYS B 223 -34.38 -26.96 5.94
CA LYS B 223 -35.32 -26.23 5.10
C LYS B 223 -34.61 -25.57 3.93
N PHE B 224 -33.54 -24.85 4.23
CA PHE B 224 -32.73 -24.21 3.20
C PHE B 224 -32.35 -25.18 2.10
N LEU B 225 -31.85 -26.35 2.51
CA LEU B 225 -31.40 -27.38 1.57
C LEU B 225 -32.56 -27.97 0.77
N THR B 226 -33.61 -28.39 1.47
CA THR B 226 -34.73 -29.06 0.83
C THR B 226 -35.55 -28.11 -0.05
N THR B 227 -35.34 -26.81 0.12
CA THR B 227 -36.08 -25.82 -0.65
C THR B 227 -35.64 -25.82 -2.11
N ALA B 228 -34.43 -26.31 -2.36
CA ALA B 228 -33.88 -26.34 -3.71
C ALA B 228 -34.57 -27.37 -4.60
N LYS B 229 -34.88 -26.98 -5.84
CA LYS B 229 -35.41 -27.91 -6.83
C LYS B 229 -34.25 -28.71 -7.43
N ASP B 230 -34.45 -30.02 -7.54
CA ASP B 230 -33.47 -30.89 -8.17
C ASP B 230 -32.06 -30.73 -7.60
N LYS B 231 -31.98 -30.29 -6.34
CA LYS B 231 -30.71 -30.13 -5.65
C LYS B 231 -29.71 -29.26 -6.42
N ASN B 232 -30.20 -28.26 -7.14
CA ASN B 232 -29.31 -27.46 -7.97
C ASN B 232 -29.69 -26.00 -8.16
N ARG B 233 -30.83 -25.59 -7.60
CA ARG B 233 -31.27 -24.21 -7.78
C ARG B 233 -32.37 -23.81 -6.80
N TRP B 234 -32.44 -22.52 -6.51
CA TRP B 234 -33.54 -21.94 -5.76
C TRP B 234 -34.38 -21.09 -6.70
N GLU B 235 -35.68 -21.34 -6.74
CA GLU B 235 -36.51 -20.74 -7.78
C GLU B 235 -37.94 -20.50 -7.34
N ASP B 236 -38.47 -19.32 -7.69
CA ASP B 236 -39.86 -18.99 -7.49
C ASP B 236 -40.46 -18.56 -8.81
N PRO B 237 -41.77 -18.72 -8.98
CA PRO B 237 -42.41 -18.22 -10.20
C PRO B 237 -42.10 -16.74 -10.41
N GLY B 238 -41.79 -16.35 -11.63
CA GLY B 238 -41.41 -14.99 -11.95
C GLY B 238 -40.17 -14.96 -12.81
N LYS B 239 -39.63 -13.77 -13.06
CA LYS B 239 -38.42 -13.63 -13.86
C LYS B 239 -37.30 -14.55 -13.37
N GLN B 240 -36.53 -15.10 -14.29
CA GLN B 240 -35.47 -16.05 -13.97
C GLN B 240 -34.21 -15.35 -13.45
N LEU B 241 -34.10 -14.06 -13.69
CA LEU B 241 -33.02 -13.26 -13.12
C LEU B 241 -33.07 -13.35 -11.60
N TYR B 242 -34.28 -13.27 -11.05
CA TYR B 242 -34.49 -13.41 -9.61
C TYR B 242 -34.01 -14.78 -9.13
N ASN B 243 -34.22 -15.79 -9.97
CA ASN B 243 -33.80 -17.15 -9.64
C ASN B 243 -32.28 -17.29 -9.67
N VAL B 244 -31.65 -16.70 -10.68
CA VAL B 244 -30.19 -16.70 -10.78
C VAL B 244 -29.60 -16.00 -9.56
N GLU B 245 -30.22 -14.89 -9.18
CA GLU B 245 -29.79 -14.12 -8.02
C GLU B 245 -29.96 -14.95 -6.74
N ALA B 246 -31.13 -15.55 -6.58
CA ALA B 246 -31.44 -16.33 -5.39
C ALA B 246 -30.50 -17.52 -5.24
N THR B 247 -30.20 -18.17 -6.36
CA THR B 247 -29.35 -19.36 -6.34
C THR B 247 -27.91 -18.98 -6.03
N SER B 248 -27.50 -17.80 -6.46
CA SER B 248 -26.16 -17.30 -6.15
C SER B 248 -26.01 -17.08 -4.64
N TYR B 249 -27.08 -16.63 -4.00
CA TYR B 249 -27.09 -16.47 -2.55
C TYR B 249 -26.97 -17.81 -1.87
N ALA B 250 -27.69 -18.80 -2.39
CA ALA B 250 -27.62 -20.16 -1.87
C ALA B 250 -26.22 -20.73 -2.02
N LEU B 251 -25.61 -20.50 -3.18
CA LEU B 251 -24.26 -20.99 -3.44
C LEU B 251 -23.26 -20.43 -2.42
N LEU B 252 -23.32 -19.12 -2.20
CA LEU B 252 -22.46 -18.49 -1.21
C LEU B 252 -22.77 -19.03 0.19
N ALA B 253 -24.02 -19.39 0.42
CA ALA B 253 -24.43 -19.96 1.70
C ALA B 253 -23.86 -21.37 1.89
N LEU B 254 -23.81 -22.12 0.79
CA LEU B 254 -23.26 -23.47 0.83
C LEU B 254 -21.77 -23.43 1.12
N LEU B 255 -21.08 -22.44 0.55
CA LEU B 255 -19.64 -22.29 0.74
C LEU B 255 -19.32 -21.85 2.16
N GLN B 256 -20.25 -21.13 2.78
CA GLN B 256 -20.12 -20.77 4.18
C GLN B 256 -20.23 -22.02 5.04
N LEU B 257 -21.10 -22.94 4.61
CA LEU B 257 -21.29 -24.21 5.30
C LEU B 257 -20.16 -25.18 5.00
N LYS B 258 -19.40 -24.86 3.96
CA LYS B 258 -18.33 -25.74 3.49
C LYS B 258 -18.92 -27.10 3.13
N ASP B 259 -20.19 -27.10 2.75
CA ASP B 259 -20.89 -28.30 2.30
C ASP B 259 -20.58 -28.53 0.83
N PHE B 260 -19.32 -28.83 0.53
CA PHE B 260 -18.84 -28.92 -0.84
C PHE B 260 -19.49 -30.04 -1.68
N ASP B 261 -20.19 -30.96 -1.01
CA ASP B 261 -20.79 -32.09 -1.72
C ASP B 261 -22.13 -31.73 -2.36
N PHE B 262 -22.66 -30.57 -2.01
CA PHE B 262 -23.94 -30.11 -2.55
C PHE B 262 -23.71 -29.14 -3.70
N VAL B 263 -22.50 -28.60 -3.76
CA VAL B 263 -22.18 -27.47 -4.63
C VAL B 263 -22.20 -27.71 -6.14
N PRO B 264 -21.53 -28.77 -6.62
CA PRO B 264 -21.28 -28.98 -8.06
C PRO B 264 -22.48 -28.79 -8.99
N PRO B 265 -23.65 -29.39 -8.69
CA PRO B 265 -24.78 -29.19 -9.59
C PRO B 265 -25.18 -27.73 -9.66
N VAL B 266 -25.36 -27.10 -8.49
CA VAL B 266 -25.72 -25.69 -8.42
C VAL B 266 -24.81 -24.83 -9.29
N VAL B 267 -23.50 -25.04 -9.17
CA VAL B 267 -22.53 -24.27 -9.95
C VAL B 267 -22.76 -24.48 -11.44
N ARG B 268 -23.09 -25.71 -11.82
CA ARG B 268 -23.31 -26.02 -13.23
C ARG B 268 -24.58 -25.34 -13.73
N TRP B 269 -25.63 -25.36 -12.92
CA TRP B 269 -26.87 -24.69 -13.28
C TRP B 269 -26.62 -23.20 -13.52
N LEU B 270 -26.04 -22.53 -12.54
CA LEU B 270 -25.69 -21.12 -12.67
C LEU B 270 -24.91 -20.86 -13.95
N ASN B 271 -23.89 -21.68 -14.18
CA ASN B 271 -23.03 -21.50 -15.35
C ASN B 271 -23.76 -21.82 -16.65
N GLU B 272 -24.66 -22.79 -16.59
CA GLU B 272 -25.46 -23.16 -17.76
C GLU B 272 -26.44 -22.04 -18.10
N GLN B 273 -26.83 -21.26 -17.10
CA GLN B 273 -27.66 -20.10 -17.33
C GLN B 273 -26.88 -19.13 -18.22
N ARG B 274 -25.64 -19.49 -18.50
CA ARG B 274 -24.78 -18.74 -19.42
C ARG B 274 -24.89 -17.22 -19.49
N TYR B 275 -24.63 -16.57 -18.37
CA TYR B 275 -25.13 -15.24 -18.07
C TYR B 275 -24.87 -14.15 -19.12
N TYR B 276 -25.50 -13.00 -18.92
CA TYR B 276 -25.58 -11.95 -19.93
C TYR B 276 -24.29 -11.15 -20.23
N GLY B 277 -23.84 -10.30 -19.29
CA GLY B 277 -24.50 -10.08 -18.02
C GLY B 277 -24.80 -8.61 -17.77
N GLY B 278 -25.56 -8.00 -18.67
CA GLY B 278 -25.91 -6.60 -18.56
C GLY B 278 -27.33 -6.33 -19.03
N GLY B 279 -27.67 -5.06 -19.18
CA GLY B 279 -29.00 -4.69 -19.63
C GLY B 279 -29.97 -4.44 -18.49
N TYR B 280 -31.25 -4.33 -18.84
CA TYR B 280 -32.28 -3.95 -17.89
C TYR B 280 -32.48 -4.96 -16.75
N GLY B 281 -32.40 -4.47 -15.52
CA GLY B 281 -32.71 -5.26 -14.34
C GLY B 281 -31.74 -6.38 -14.01
N SER B 282 -30.50 -6.26 -14.46
CA SER B 282 -29.52 -7.32 -14.24
C SER B 282 -28.46 -6.95 -13.21
N THR B 283 -28.63 -5.79 -12.57
CA THR B 283 -27.66 -5.34 -11.57
C THR B 283 -27.37 -6.41 -10.54
N GLN B 284 -28.40 -6.83 -9.81
CA GLN B 284 -28.23 -7.81 -8.74
C GLN B 284 -27.76 -9.17 -9.23
N ALA B 285 -28.38 -9.67 -10.30
CA ALA B 285 -28.00 -10.97 -10.85
C ALA B 285 -26.54 -10.97 -11.27
N THR B 286 -26.09 -9.87 -11.87
CA THR B 286 -24.70 -9.75 -12.28
C THR B 286 -23.78 -9.72 -11.07
N PHE B 287 -24.16 -8.94 -10.06
CA PHE B 287 -23.37 -8.81 -8.85
C PHE B 287 -23.22 -10.16 -8.15
N MET B 288 -24.35 -10.81 -7.90
CA MET B 288 -24.37 -12.03 -7.09
C MET B 288 -23.72 -13.24 -7.77
N VAL B 289 -23.90 -13.38 -9.08
CA VAL B 289 -23.38 -14.55 -9.78
C VAL B 289 -21.86 -14.50 -9.88
N PHE B 290 -21.30 -13.32 -10.09
CA PHE B 290 -19.86 -13.15 -10.13
C PHE B 290 -19.24 -13.28 -8.74
N GLN B 291 -19.98 -12.85 -7.71
CA GLN B 291 -19.49 -12.98 -6.35
C GLN B 291 -19.47 -14.43 -5.91
N ALA B 292 -20.55 -15.15 -6.20
CA ALA B 292 -20.67 -16.55 -5.83
C ALA B 292 -19.65 -17.43 -6.54
N LEU B 293 -19.56 -17.27 -7.86
CA LEU B 293 -18.65 -18.09 -8.66
C LEU B 293 -17.18 -17.80 -8.34
N ALA B 294 -16.86 -16.53 -8.11
CA ALA B 294 -15.52 -16.16 -7.67
C ALA B 294 -15.20 -16.90 -6.38
N GLN B 295 -16.09 -16.73 -5.39
CA GLN B 295 -15.97 -17.41 -4.12
C GLN B 295 -15.79 -18.92 -4.32
N TYR B 296 -16.59 -19.50 -5.20
CA TYR B 296 -16.52 -20.92 -5.49
C TYR B 296 -15.12 -21.38 -5.88
N GLN B 297 -14.55 -20.73 -6.89
CA GLN B 297 -13.22 -21.09 -7.41
C GLN B 297 -12.10 -20.80 -6.41
N LYS B 298 -12.34 -19.87 -5.50
CA LYS B 298 -11.33 -19.52 -4.49
C LYS B 298 -11.31 -20.56 -3.38
N ASP B 299 -12.46 -21.15 -3.10
CA ASP B 299 -12.61 -22.07 -1.98
C ASP B 299 -12.53 -23.54 -2.41
N ALA B 300 -13.25 -23.88 -3.47
CA ALA B 300 -13.35 -25.26 -3.90
C ALA B 300 -12.03 -25.80 -4.48
N PRO B 301 -11.55 -26.92 -3.94
CA PRO B 301 -10.35 -27.61 -4.44
C PRO B 301 -10.61 -28.23 -5.81
N ASP B 302 -9.65 -28.10 -6.72
CA ASP B 302 -9.81 -28.56 -8.10
C ASP B 302 -11.23 -28.31 -8.59
N HIS B 303 -11.55 -27.05 -8.83
CA HIS B 303 -12.89 -26.64 -9.23
C HIS B 303 -13.11 -26.83 -10.72
N GLN B 304 -14.37 -26.80 -11.12
CA GLN B 304 -14.72 -26.84 -12.54
C GLN B 304 -14.23 -25.58 -13.21
N GLU B 305 -13.87 -25.68 -14.49
CA GLU B 305 -13.54 -24.48 -15.26
C GLU B 305 -14.83 -23.85 -15.77
N LEU B 306 -14.99 -22.56 -15.52
CA LEU B 306 -16.22 -21.86 -15.87
C LEU B 306 -16.10 -21.18 -17.24
N ASN B 307 -17.20 -21.18 -17.99
CA ASN B 307 -17.19 -20.67 -19.36
C ASN B 307 -17.87 -19.30 -19.28
N LEU B 308 -17.08 -18.25 -19.49
CA LEU B 308 -15.64 -18.38 -19.34
C LEU B 308 -15.03 -17.18 -18.64
N ASP B 309 -15.31 -15.98 -19.12
CA ASP B 309 -14.69 -14.77 -18.58
C ASP B 309 -15.65 -13.59 -18.33
N VAL B 310 -15.06 -12.40 -18.15
CA VAL B 310 -15.81 -11.19 -17.84
C VAL B 310 -15.74 -10.12 -18.91
N SER B 311 -15.56 -10.54 -20.16
CA SER B 311 -15.41 -9.62 -21.28
C SER B 311 -16.46 -8.50 -21.31
N LEU B 312 -17.73 -8.87 -21.19
CA LEU B 312 -18.83 -7.90 -21.33
C LEU B 312 -19.00 -6.97 -20.13
N GLN B 313 -18.42 -7.33 -18.99
CA GLN B 313 -18.49 -6.48 -17.81
C GLN B 313 -17.37 -5.46 -17.79
N LEU B 314 -16.30 -5.76 -18.52
CA LEU B 314 -15.11 -4.90 -18.55
C LEU B 314 -14.67 -4.73 -20.01
N PRO B 315 -15.48 -4.02 -20.79
CA PRO B 315 -15.37 -3.94 -22.26
C PRO B 315 -14.16 -3.16 -22.78
N SER B 316 -13.92 -3.26 -24.09
CA SER B 316 -12.81 -2.60 -24.75
C SER B 316 -11.56 -2.51 -23.87
N ASP C 10 35.90 32.80 -26.43
CA ASP C 10 36.77 33.90 -26.00
C ASP C 10 36.20 34.74 -24.86
N ALA C 11 37.10 35.49 -24.22
CA ALA C 11 36.82 36.15 -22.94
C ALA C 11 35.86 37.34 -22.99
N GLU C 12 35.98 38.16 -24.04
CA GLU C 12 35.21 39.40 -24.12
C GLU C 12 33.70 39.15 -24.21
N ARG C 13 33.32 37.90 -24.47
CA ARG C 13 31.92 37.55 -24.66
C ARG C 13 31.18 37.36 -23.34
N LEU C 14 31.85 37.68 -22.23
CA LEU C 14 31.30 37.39 -20.91
C LEU C 14 31.33 38.57 -19.95
N LYS C 15 31.51 39.77 -20.49
CA LYS C 15 31.56 40.98 -19.66
C LYS C 15 30.34 41.12 -18.76
N HIS C 16 29.22 40.54 -19.19
CA HIS C 16 27.96 40.68 -18.46
C HIS C 16 27.84 39.69 -17.30
N LEU C 17 28.73 38.71 -17.26
CA LEU C 17 28.71 37.70 -16.20
C LEU C 17 29.30 38.24 -14.90
N ILE C 18 30.14 39.26 -15.00
CA ILE C 18 30.71 39.89 -13.83
C ILE C 18 29.67 40.78 -13.15
N VAL C 19 28.68 40.13 -12.54
CA VAL C 19 27.59 40.83 -11.88
C VAL C 19 27.95 41.20 -10.44
N THR C 20 27.41 42.32 -9.96
CA THR C 20 27.55 42.70 -8.55
C THR C 20 26.35 42.22 -7.75
N PRO C 21 26.60 41.41 -6.70
CA PRO C 21 25.59 40.70 -5.91
C PRO C 21 24.78 41.58 -4.95
N SER C 22 23.47 41.40 -4.96
CA SER C 22 22.58 42.10 -4.05
C SER C 22 21.33 41.28 -3.82
N GLY C 23 20.54 41.67 -2.81
CA GLY C 23 19.29 41.00 -2.53
C GLY C 23 19.31 40.23 -1.23
N ALA C 24 18.28 39.42 -1.00
CA ALA C 24 18.22 38.59 0.20
C ALA C 24 18.78 37.18 -0.07
N GLY C 25 18.41 36.23 0.79
CA GLY C 25 18.95 34.88 0.74
C GLY C 25 19.05 34.26 -0.64
N GLU C 26 17.99 34.38 -1.44
CA GLU C 26 17.95 33.74 -2.74
C GLU C 26 18.57 34.62 -3.84
N GLN C 27 18.07 35.84 -3.95
CA GLN C 27 18.51 36.75 -5.01
C GLN C 27 20.01 37.00 -4.97
N ASN C 28 20.56 37.14 -3.76
CA ASN C 28 21.99 37.33 -3.60
C ASN C 28 22.78 36.20 -4.26
N MET C 29 22.24 34.99 -4.17
CA MET C 29 22.89 33.83 -4.77
C MET C 29 22.69 33.82 -6.28
N ILE C 30 21.59 34.41 -6.74
CA ILE C 30 21.38 34.60 -8.17
C ILE C 30 22.48 35.51 -8.71
N GLY C 31 22.98 36.39 -7.85
CA GLY C 31 24.04 37.31 -8.21
C GLY C 31 25.43 36.71 -8.17
N MET C 32 25.73 35.97 -7.12
CA MET C 32 27.04 35.31 -6.99
C MET C 32 27.28 34.36 -8.16
N THR C 33 26.26 33.60 -8.52
CA THR C 33 26.38 32.55 -9.52
C THR C 33 27.28 32.92 -10.71
N PRO C 34 26.86 33.90 -11.53
CA PRO C 34 27.59 34.18 -12.76
C PRO C 34 29.00 34.71 -12.51
N THR C 35 29.20 35.39 -11.40
CA THR C 35 30.53 35.95 -11.09
C THR C 35 31.50 34.85 -10.69
N VAL C 36 31.08 33.99 -9.78
CA VAL C 36 31.90 32.87 -9.34
C VAL C 36 32.25 31.94 -10.49
N ILE C 37 31.24 31.51 -11.23
CA ILE C 37 31.44 30.54 -12.30
C ILE C 37 32.26 31.10 -13.47
N ALA C 38 32.03 32.36 -13.81
CA ALA C 38 32.79 33.00 -14.89
C ALA C 38 34.27 33.07 -14.55
N VAL C 39 34.57 33.48 -13.33
CA VAL C 39 35.94 33.52 -12.85
C VAL C 39 36.54 32.12 -12.85
N HIS C 40 35.76 31.15 -12.39
CA HIS C 40 36.17 29.75 -12.40
C HIS C 40 36.43 29.27 -13.83
N TYR C 41 35.75 29.88 -14.79
CA TYR C 41 35.89 29.51 -16.19
C TYR C 41 37.12 30.16 -16.83
N LEU C 42 37.43 31.38 -16.42
CA LEU C 42 38.60 32.10 -16.93
C LEU C 42 39.87 31.64 -16.24
N ASP C 43 39.74 30.65 -15.35
CA ASP C 43 40.89 30.06 -14.68
C ASP C 43 41.21 28.70 -15.30
N GLU C 44 40.20 27.86 -15.44
CA GLU C 44 40.37 26.52 -15.97
C GLU C 44 40.66 26.57 -17.47
N THR C 45 40.66 27.77 -18.03
CA THR C 45 41.04 27.98 -19.42
C THR C 45 42.17 29.01 -19.51
N GLU C 46 42.61 29.47 -18.35
CA GLU C 46 43.76 30.38 -18.26
C GLU C 46 43.69 31.49 -19.31
N GLN C 47 42.60 32.25 -19.30
CA GLN C 47 42.40 33.31 -20.28
C GLN C 47 42.46 34.70 -19.67
N TRP C 48 43.07 34.82 -18.49
CA TRP C 48 43.10 36.11 -17.81
C TRP C 48 44.03 37.13 -18.45
N GLU C 49 44.96 36.67 -19.28
CA GLU C 49 45.83 37.60 -19.99
C GLU C 49 45.10 38.13 -21.22
N LYS C 50 44.12 37.37 -21.69
CA LYS C 50 43.27 37.78 -22.79
C LYS C 50 42.24 38.79 -22.28
N PHE C 51 41.54 38.40 -21.22
CA PHE C 51 40.52 39.24 -20.61
C PHE C 51 41.17 40.45 -19.92
N GLY C 52 42.21 40.17 -19.15
CA GLY C 52 42.90 41.21 -18.41
C GLY C 52 43.10 40.82 -16.95
N LEU C 53 44.27 40.29 -16.64
CA LEU C 53 44.57 39.80 -15.29
C LEU C 53 44.27 40.84 -14.23
N GLU C 54 44.30 42.11 -14.62
CA GLU C 54 44.02 43.21 -13.70
C GLU C 54 42.57 43.19 -13.22
N LYS C 55 41.64 42.88 -14.11
CA LYS C 55 40.22 42.89 -13.77
C LYS C 55 39.79 41.68 -12.92
N ARG C 56 40.66 40.67 -12.83
CA ARG C 56 40.37 39.49 -12.02
C ARG C 56 40.28 39.84 -10.55
N GLN C 57 41.12 40.77 -10.12
CA GLN C 57 41.13 41.21 -8.73
C GLN C 57 39.79 41.79 -8.30
N GLY C 58 39.11 42.45 -9.23
CA GLY C 58 37.82 43.05 -8.96
C GLY C 58 36.71 42.02 -8.88
N ALA C 59 36.79 40.99 -9.72
CA ALA C 59 35.82 39.91 -9.70
C ALA C 59 35.91 39.15 -8.38
N LEU C 60 37.15 38.90 -7.94
CA LEU C 60 37.40 38.27 -6.66
C LEU C 60 36.74 39.07 -5.54
N GLU C 61 36.74 40.38 -5.69
CA GLU C 61 36.13 41.27 -4.71
C GLU C 61 34.61 41.15 -4.72
N LEU C 62 34.04 40.93 -5.89
CA LEU C 62 32.60 40.75 -6.02
C LEU C 62 32.18 39.41 -5.42
N ILE C 63 33.04 38.41 -5.56
CA ILE C 63 32.77 37.08 -5.02
C ILE C 63 32.77 37.10 -3.48
N LYS C 64 33.76 37.74 -2.88
CA LYS C 64 33.79 37.87 -1.42
C LYS C 64 32.60 38.68 -0.92
N LYS C 65 32.19 39.68 -1.70
CA LYS C 65 31.03 40.48 -1.33
C LYS C 65 29.77 39.62 -1.34
N GLY C 66 29.60 38.84 -2.40
CA GLY C 66 28.48 37.92 -2.49
C GLY C 66 28.49 36.93 -1.34
N TYR C 67 29.68 36.42 -1.03
CA TYR C 67 29.86 35.47 0.06
C TYR C 67 29.49 36.06 1.42
N THR C 68 30.06 37.22 1.72
CA THR C 68 29.85 37.86 3.02
C THR C 68 28.39 38.26 3.21
N GLN C 69 27.76 38.70 2.13
CA GLN C 69 26.35 39.08 2.18
C GLN C 69 25.48 37.86 2.46
N GLN C 70 25.83 36.74 1.84
CA GLN C 70 25.09 35.50 2.01
C GLN C 70 25.06 35.03 3.47
N LEU C 71 26.10 35.37 4.21
CA LEU C 71 26.21 34.95 5.61
C LEU C 71 25.12 35.53 6.49
N ALA C 72 24.49 36.61 6.04
CA ALA C 72 23.42 37.26 6.78
C ALA C 72 22.17 36.37 6.81
N PHE C 73 22.13 35.44 5.88
CA PHE C 73 20.97 34.56 5.75
C PHE C 73 21.29 33.15 6.22
N ARG C 74 22.47 33.00 6.82
CA ARG C 74 22.83 31.75 7.46
C ARG C 74 22.09 31.64 8.79
N GLN C 75 21.10 30.76 8.84
CA GLN C 75 20.35 30.55 10.07
C GLN C 75 21.20 29.80 11.10
N PRO C 76 20.84 29.88 12.39
CA PRO C 76 21.61 29.25 13.45
C PRO C 76 21.83 27.75 13.22
N SER C 77 20.97 27.16 12.39
CA SER C 77 21.08 25.74 12.06
C SER C 77 22.15 25.49 11.01
N SER C 78 22.62 26.57 10.39
CA SER C 78 23.59 26.51 9.29
C SER C 78 22.91 26.36 7.93
N ALA C 79 21.57 26.31 7.94
CA ALA C 79 20.81 26.25 6.71
C ALA C 79 20.53 27.65 6.16
N PHE C 80 20.10 27.72 4.91
CA PHE C 80 19.82 29.00 4.26
C PHE C 80 18.38 29.10 3.77
N ALA C 81 17.85 30.32 3.78
CA ALA C 81 16.57 30.62 3.16
C ALA C 81 16.60 32.08 2.70
N ALA C 82 15.56 32.50 2.01
CA ALA C 82 15.48 33.88 1.52
C ALA C 82 15.62 34.88 2.66
N PHE C 83 14.93 34.62 3.76
CA PHE C 83 14.95 35.51 4.91
C PHE C 83 15.13 34.71 6.19
N VAL C 84 15.62 35.36 7.24
CA VAL C 84 15.90 34.69 8.50
C VAL C 84 14.61 34.24 9.20
N LYS C 85 13.47 34.75 8.73
CA LYS C 85 12.18 34.36 9.30
C LYS C 85 11.43 33.39 8.40
N ARG C 86 12.10 32.91 7.35
CA ARG C 86 11.53 31.89 6.49
C ARG C 86 12.21 30.55 6.78
N ALA C 87 11.43 29.46 6.71
CA ALA C 87 11.97 28.13 6.95
C ALA C 87 13.07 27.80 5.94
N PRO C 88 14.16 27.17 6.42
CA PRO C 88 15.32 26.88 5.58
C PRO C 88 14.96 25.99 4.40
N SER C 89 15.53 26.29 3.24
CA SER C 89 15.30 25.52 2.03
C SER C 89 16.34 24.42 1.85
N THR C 90 15.91 23.26 1.38
CA THR C 90 16.84 22.18 1.10
C THR C 90 17.64 22.48 -0.16
N TRP C 91 16.94 22.93 -1.20
CA TRP C 91 17.62 23.24 -2.46
C TRP C 91 18.61 24.38 -2.29
N LEU C 92 18.15 25.47 -1.70
CA LEU C 92 18.99 26.66 -1.54
C LEU C 92 20.23 26.35 -0.73
N THR C 93 20.06 25.68 0.41
CA THR C 93 21.18 25.30 1.26
C THR C 93 22.17 24.42 0.51
N ALA C 94 21.65 23.52 -0.34
CA ALA C 94 22.51 22.67 -1.14
C ALA C 94 23.20 23.47 -2.24
N TYR C 95 22.50 24.46 -2.78
CA TYR C 95 23.07 25.29 -3.84
C TYR C 95 24.21 26.13 -3.28
N VAL C 96 24.03 26.64 -2.06
CA VAL C 96 25.08 27.40 -1.41
C VAL C 96 26.36 26.58 -1.33
N VAL C 97 26.23 25.33 -0.89
CA VAL C 97 27.38 24.43 -0.84
C VAL C 97 28.01 24.29 -2.22
N LYS C 98 27.20 23.96 -3.21
CA LYS C 98 27.66 23.81 -4.58
CA LYS C 98 27.66 23.81 -4.58
C LYS C 98 28.49 25.02 -5.01
N VAL C 99 27.93 26.21 -4.84
CA VAL C 99 28.60 27.45 -5.21
C VAL C 99 29.86 27.74 -4.40
N PHE C 100 29.74 27.72 -3.07
CA PHE C 100 30.87 28.02 -2.20
C PHE C 100 32.03 27.04 -2.41
N SER C 101 31.70 25.80 -2.76
CA SER C 101 32.72 24.79 -3.00
C SER C 101 33.62 25.18 -4.18
N LEU C 102 33.01 25.72 -5.22
CA LEU C 102 33.76 26.20 -6.38
C LEU C 102 34.55 27.45 -6.03
N ALA C 103 34.19 28.07 -4.92
CA ALA C 103 34.77 29.35 -4.54
C ALA C 103 35.88 29.24 -3.48
N VAL C 104 36.04 28.06 -2.89
CA VAL C 104 37.06 27.86 -1.87
C VAL C 104 38.46 28.10 -2.45
N ASN C 105 38.59 27.88 -3.75
CA ASN C 105 39.85 28.06 -4.46
C ASN C 105 40.07 29.52 -4.86
N LEU C 106 39.05 30.34 -4.69
CA LEU C 106 39.09 31.74 -5.12
C LEU C 106 39.23 32.69 -3.92
N ILE C 107 38.37 32.52 -2.94
CA ILE C 107 38.38 33.37 -1.75
C ILE C 107 38.33 32.53 -0.48
N ALA C 108 38.58 33.17 0.66
CA ALA C 108 38.56 32.49 1.95
C ALA C 108 37.14 32.06 2.35
N ILE C 109 36.85 30.78 2.20
CA ILE C 109 35.57 30.23 2.63
C ILE C 109 35.68 29.57 4.00
N ASP C 110 34.83 29.97 4.93
CA ASP C 110 34.84 29.39 6.26
C ASP C 110 34.27 27.97 6.24
N SER C 111 35.08 27.00 6.68
CA SER C 111 34.70 25.59 6.67
C SER C 111 33.46 25.31 7.52
N GLN C 112 33.35 25.98 8.66
CA GLN C 112 32.19 25.82 9.53
C GLN C 112 30.89 26.13 8.77
N VAL C 113 30.98 27.06 7.82
CA VAL C 113 29.82 27.44 7.02
C VAL C 113 29.47 26.31 6.05
N LEU C 114 30.44 25.89 5.27
CA LEU C 114 30.23 24.85 4.27
C LEU C 114 29.81 23.54 4.92
N CYS C 115 30.56 23.11 5.93
CA CYS C 115 30.35 21.81 6.55
C CYS C 115 29.14 21.80 7.49
N GLY C 116 28.75 22.99 7.95
CA GLY C 116 27.57 23.12 8.78
C GLY C 116 26.31 22.97 7.94
N ALA C 117 26.38 23.44 6.69
CA ALA C 117 25.28 23.30 5.75
C ALA C 117 25.20 21.85 5.26
N VAL C 118 26.36 21.25 5.01
CA VAL C 118 26.43 19.84 4.66
C VAL C 118 25.85 18.97 5.77
N LYS C 119 26.24 19.25 7.01
CA LYS C 119 25.76 18.48 8.15
C LYS C 119 24.25 18.63 8.34
N TRP C 120 23.74 19.82 8.05
CA TRP C 120 22.30 20.07 8.17
C TRP C 120 21.52 19.22 7.19
N LEU C 121 21.95 19.23 5.94
CA LEU C 121 21.34 18.40 4.90
C LEU C 121 21.31 16.92 5.31
N ILE C 122 22.43 16.42 5.81
CA ILE C 122 22.55 15.02 6.21
C ILE C 122 21.71 14.67 7.45
N LEU C 123 21.75 15.54 8.45
CA LEU C 123 21.06 15.28 9.72
C LEU C 123 19.55 15.52 9.69
N GLU C 124 19.11 16.42 8.80
CA GLU C 124 17.73 16.89 8.86
C GLU C 124 16.88 16.51 7.65
N LYS C 125 17.48 16.52 6.46
CA LYS C 125 16.68 16.48 5.24
C LYS C 125 16.79 15.19 4.41
N GLN C 126 17.65 14.26 4.84
CA GLN C 126 17.73 12.98 4.14
C GLN C 126 16.86 11.94 4.80
N LYS C 127 15.94 11.37 4.01
CA LYS C 127 15.09 10.29 4.49
C LYS C 127 15.88 8.99 4.55
N PRO C 128 15.45 8.05 5.39
CA PRO C 128 16.17 6.78 5.57
C PRO C 128 16.55 6.11 4.25
N ASP C 129 15.70 6.22 3.24
CA ASP C 129 15.96 5.59 1.95
C ASP C 129 16.98 6.38 1.12
N GLY C 130 17.43 7.50 1.64
CA GLY C 130 18.47 8.28 0.99
C GLY C 130 17.99 9.46 0.18
N VAL C 131 16.67 9.63 0.09
CA VAL C 131 16.09 10.74 -0.65
C VAL C 131 16.23 12.06 0.12
N PHE C 132 16.50 13.13 -0.62
CA PHE C 132 16.50 14.46 -0.03
C PHE C 132 15.18 15.16 -0.30
N GLN C 133 14.63 15.80 0.72
CA GLN C 133 13.29 16.37 0.64
C GLN C 133 13.28 17.88 0.92
N GLU C 134 12.51 18.60 0.12
CA GLU C 134 12.37 20.05 0.27
C GLU C 134 11.13 20.37 1.10
N ASP C 135 11.33 21.02 2.24
CA ASP C 135 10.23 21.36 3.13
C ASP C 135 9.89 22.85 3.11
N ALA C 136 10.70 23.62 2.41
CA ALA C 136 10.45 25.06 2.25
C ALA C 136 11.01 25.54 0.91
N PRO C 137 10.25 25.33 -0.16
CA PRO C 137 10.68 25.67 -1.54
C PRO C 137 11.13 27.11 -1.64
N VAL C 138 12.12 27.37 -2.50
CA VAL C 138 12.59 28.74 -2.71
C VAL C 138 11.50 29.57 -3.36
N ILE C 139 11.51 30.87 -3.08
CA ILE C 139 10.56 31.79 -3.66
C ILE C 139 10.83 31.97 -5.16
N HIS C 140 12.10 32.15 -5.51
CA HIS C 140 12.51 32.37 -6.89
C HIS C 140 12.61 31.06 -7.66
N GLN C 141 11.47 30.50 -8.04
CA GLN C 141 11.41 29.20 -8.71
C GLN C 141 12.21 29.17 -10.02
N GLU C 142 12.61 30.34 -10.51
CA GLU C 142 13.32 30.40 -11.78
C GLU C 142 14.83 30.19 -11.63
N MET C 143 15.30 30.13 -10.39
CA MET C 143 16.73 29.96 -10.14
C MET C 143 17.14 28.49 -10.00
N ILE C 144 16.16 27.59 -9.95
CA ILE C 144 16.44 26.17 -9.77
C ILE C 144 16.40 25.38 -11.09
N GLY C 145 16.28 26.09 -12.21
CA GLY C 145 16.31 25.47 -13.52
C GLY C 145 15.33 24.32 -13.72
N GLY C 146 15.79 23.28 -14.41
CA GLY C 146 14.95 22.16 -14.79
C GLY C 146 14.28 21.43 -13.65
N LEU C 147 14.71 21.70 -12.42
CA LEU C 147 14.12 21.07 -11.25
C LEU C 147 12.73 21.64 -10.98
N ARG C 148 12.45 22.77 -11.61
CA ARG C 148 11.25 23.51 -11.35
C ARG C 148 9.96 22.77 -11.53
N ASN C 149 9.68 22.28 -12.70
CA ASN C 149 8.45 21.57 -12.84
C ASN C 149 8.80 20.13 -13.05
N ASN C 150 9.27 19.50 -12.00
CA ASN C 150 9.66 18.12 -12.14
C ASN C 150 8.69 17.14 -11.57
N ASN C 151 8.31 16.23 -12.44
CA ASN C 151 7.49 15.13 -12.13
C ASN C 151 8.17 14.32 -11.10
N GLU C 152 9.43 14.06 -11.33
CA GLU C 152 10.18 13.13 -10.50
C GLU C 152 11.09 13.88 -9.51
N LYS C 153 10.48 14.67 -8.63
CA LYS C 153 11.22 15.56 -7.74
C LYS C 153 12.20 14.84 -6.83
N ASP C 154 11.79 13.69 -6.32
CA ASP C 154 12.65 12.91 -5.43
C ASP C 154 13.99 12.58 -6.08
N MET C 155 13.95 12.06 -7.30
CA MET C 155 15.16 11.69 -8.03
C MET C 155 15.99 12.91 -8.42
N ALA C 156 15.31 14.00 -8.77
CA ALA C 156 16.01 15.21 -9.21
C ALA C 156 16.68 15.95 -8.06
N LEU C 157 15.93 16.19 -6.99
CA LEU C 157 16.46 16.88 -5.82
C LEU C 157 17.57 16.07 -5.15
N THR C 158 17.33 14.77 -4.97
CA THR C 158 18.32 13.89 -4.34
C THR C 158 19.63 13.91 -5.12
N ALA C 159 19.52 13.97 -6.45
CA ALA C 159 20.70 14.02 -7.29
C ALA C 159 21.39 15.37 -7.14
N PHE C 160 20.61 16.44 -7.13
CA PHE C 160 21.14 17.79 -6.99
C PHE C 160 21.93 17.93 -5.69
N VAL C 161 21.32 17.52 -4.58
CA VAL C 161 21.98 17.57 -3.28
C VAL C 161 23.21 16.67 -3.27
N LEU C 162 23.08 15.48 -3.84
CA LEU C 162 24.17 14.52 -3.91
C LEU C 162 25.38 15.14 -4.59
N ILE C 163 25.13 15.94 -5.63
CA ILE C 163 26.21 16.59 -6.37
C ILE C 163 26.92 17.63 -5.51
N SER C 164 26.16 18.30 -4.62
CA SER C 164 26.77 19.25 -3.69
C SER C 164 27.56 18.56 -2.60
N LEU C 165 27.01 17.46 -2.07
CA LEU C 165 27.70 16.67 -1.07
C LEU C 165 29.03 16.18 -1.61
N GLN C 166 29.00 15.66 -2.83
CA GLN C 166 30.22 15.19 -3.50
C GLN C 166 31.25 16.30 -3.57
N GLU C 167 30.80 17.51 -3.89
CA GLU C 167 31.69 18.64 -4.07
C GLU C 167 32.32 19.08 -2.75
N ALA C 168 31.69 18.70 -1.64
CA ALA C 168 32.14 19.15 -0.33
C ALA C 168 32.79 18.04 0.48
N LYS C 169 32.89 16.84 -0.09
CA LYS C 169 33.41 15.69 0.65
C LYS C 169 34.84 15.84 1.16
N ASP C 170 35.75 16.23 0.27
CA ASP C 170 37.16 16.36 0.62
C ASP C 170 37.41 17.34 1.77
N ILE C 171 36.60 18.38 1.82
CA ILE C 171 36.76 19.43 2.83
C ILE C 171 36.08 19.09 4.15
N CYS C 172 34.92 18.44 4.06
CA CYS C 172 34.03 18.32 5.21
C CYS C 172 34.04 16.96 5.89
N GLU C 173 34.70 15.98 5.28
CA GLU C 173 34.69 14.62 5.85
C GLU C 173 35.34 14.57 7.22
N GLU C 174 36.48 15.25 7.37
CA GLU C 174 37.25 15.24 8.61
C GLU C 174 36.42 15.60 9.83
N GLN C 175 35.40 16.45 9.65
CA GLN C 175 34.56 16.88 10.77
C GLN C 175 33.09 16.52 10.57
N VAL C 176 32.80 15.78 9.52
CA VAL C 176 31.46 15.22 9.30
C VAL C 176 31.63 13.80 8.75
N ASN C 177 32.16 12.92 9.60
CA ASN C 177 32.56 11.58 9.16
C ASN C 177 31.50 10.79 8.40
N SER C 178 30.23 11.06 8.71
CA SER C 178 29.12 10.32 8.11
C SER C 178 28.81 10.75 6.67
N LEU C 179 29.61 11.68 6.15
CA LEU C 179 29.38 12.22 4.82
C LEU C 179 29.52 11.21 3.67
N PRO C 180 30.56 10.35 3.71
CA PRO C 180 30.68 9.30 2.70
C PRO C 180 29.48 8.36 2.73
N GLY C 181 28.91 8.18 3.91
CA GLY C 181 27.74 7.34 4.07
C GLY C 181 26.50 7.95 3.45
N SER C 182 26.20 9.19 3.84
CA SER C 182 25.08 9.91 3.29
C SER C 182 25.15 9.92 1.77
N ILE C 183 26.35 10.05 1.24
CA ILE C 183 26.55 10.07 -0.20
C ILE C 183 26.16 8.73 -0.84
N THR C 184 26.59 7.64 -0.21
CA THR C 184 26.32 6.31 -0.72
C THR C 184 24.83 6.00 -0.72
N LYS C 185 24.15 6.35 0.37
CA LYS C 185 22.72 6.10 0.48
C LYS C 185 21.94 6.82 -0.62
N ALA C 186 22.32 8.07 -0.89
CA ALA C 186 21.68 8.84 -1.94
C ALA C 186 21.89 8.19 -3.30
N GLY C 187 23.13 7.72 -3.52
CA GLY C 187 23.48 7.04 -4.75
C GLY C 187 22.71 5.74 -4.91
N ASP C 188 22.40 5.10 -3.79
CA ASP C 188 21.62 3.87 -3.81
C ASP C 188 20.22 4.13 -4.33
N PHE C 189 19.55 5.13 -3.76
CA PHE C 189 18.20 5.47 -4.19
C PHE C 189 18.17 5.80 -5.69
N LEU C 190 19.16 6.56 -6.15
CA LEU C 190 19.24 6.91 -7.55
C LEU C 190 19.40 5.67 -8.42
N GLU C 191 20.30 4.78 -8.00
CA GLU C 191 20.59 3.56 -8.75
C GLU C 191 19.37 2.63 -8.80
N ALA C 192 18.64 2.55 -7.70
CA ALA C 192 17.50 1.65 -7.59
C ALA C 192 16.30 2.10 -8.43
N ASN C 193 16.29 3.37 -8.85
CA ASN C 193 15.14 3.91 -9.56
C ASN C 193 15.49 4.56 -10.90
N TYR C 194 16.73 4.41 -11.34
CA TYR C 194 17.20 5.09 -12.54
C TYR C 194 16.52 4.64 -13.82
N MET C 195 16.34 3.32 -13.98
CA MET C 195 15.75 2.79 -15.20
C MET C 195 14.29 3.19 -15.36
N ASN C 196 13.65 3.57 -14.26
CA ASN C 196 12.24 3.96 -14.28
C ASN C 196 12.01 5.43 -14.62
N LEU C 197 13.08 6.17 -14.79
CA LEU C 197 12.98 7.60 -15.11
C LEU C 197 12.44 7.83 -16.52
N GLN C 198 11.83 8.99 -16.73
CA GLN C 198 11.23 9.31 -18.03
C GLN C 198 11.73 10.64 -18.61
N ARG C 199 12.02 11.60 -17.73
CA ARG C 199 12.51 12.90 -18.19
C ARG C 199 13.98 12.86 -18.56
N SER C 200 14.32 13.42 -19.72
CA SER C 200 15.69 13.52 -20.16
C SER C 200 16.51 14.29 -19.13
N TYR C 201 15.90 15.30 -18.53
CA TYR C 201 16.57 16.16 -17.56
C TYR C 201 17.03 15.39 -16.32
N THR C 202 16.13 14.62 -15.73
CA THR C 202 16.45 13.84 -14.55
C THR C 202 17.49 12.77 -14.90
N VAL C 203 17.34 12.19 -16.09
CA VAL C 203 18.29 11.20 -16.58
C VAL C 203 19.69 11.80 -16.68
N ALA C 204 19.75 13.09 -16.99
CA ALA C 204 21.02 13.78 -17.19
C ALA C 204 21.69 14.17 -15.87
N ILE C 205 20.93 14.71 -14.94
CA ILE C 205 21.49 15.16 -13.67
C ILE C 205 21.79 13.99 -12.74
N ALA C 206 20.88 13.02 -12.69
CA ALA C 206 21.08 11.83 -11.87
C ALA C 206 22.20 10.97 -12.46
N GLY C 207 22.39 11.09 -13.76
CA GLY C 207 23.44 10.36 -14.45
C GLY C 207 24.82 10.85 -14.04
N TYR C 208 24.96 12.17 -13.95
CA TYR C 208 26.21 12.78 -13.54
C TYR C 208 26.53 12.44 -12.10
N ALA C 209 25.51 12.48 -11.24
CA ALA C 209 25.68 12.12 -9.84
C ALA C 209 26.25 10.71 -9.72
N LEU C 210 25.71 9.80 -10.52
CA LEU C 210 26.15 8.41 -10.48
C LEU C 210 27.52 8.22 -11.13
N ALA C 211 27.71 8.86 -12.29
CA ALA C 211 28.97 8.75 -13.02
C ALA C 211 30.16 9.15 -12.15
N GLN C 212 30.03 10.25 -11.42
CA GLN C 212 31.07 10.70 -10.50
C GLN C 212 31.34 9.63 -9.44
N MET C 213 30.33 8.82 -9.16
CA MET C 213 30.41 7.78 -8.15
C MET C 213 30.85 6.46 -8.76
N GLY C 214 31.05 6.45 -10.08
CA GLY C 214 31.40 5.24 -10.80
C GLY C 214 30.30 4.20 -10.72
N ARG C 215 29.05 4.65 -10.81
CA ARG C 215 27.91 3.76 -10.70
C ARG C 215 26.98 3.90 -11.90
N LEU C 216 27.53 4.38 -13.01
CA LEU C 216 26.78 4.47 -14.26
C LEU C 216 27.27 3.39 -15.21
N LYS C 217 26.79 2.16 -15.01
CA LYS C 217 27.24 1.03 -15.82
C LYS C 217 26.07 0.19 -16.33
N GLY C 218 26.38 -0.74 -17.22
CA GLY C 218 25.39 -1.67 -17.75
C GLY C 218 24.23 -0.99 -18.46
N PRO C 219 23.00 -1.38 -18.09
CA PRO C 219 21.77 -0.83 -18.69
C PRO C 219 21.61 0.65 -18.37
N LEU C 220 21.93 1.04 -17.14
CA LEU C 220 21.83 2.44 -16.75
C LEU C 220 22.66 3.32 -17.67
N LEU C 221 23.91 2.92 -17.91
CA LEU C 221 24.79 3.64 -18.81
C LEU C 221 24.20 3.74 -20.21
N ASN C 222 23.56 2.66 -20.65
CA ASN C 222 22.92 2.64 -21.96
C ASN C 222 21.72 3.58 -22.00
N LYS C 223 20.87 3.51 -20.98
CA LYS C 223 19.72 4.40 -20.89
C LYS C 223 20.15 5.86 -20.95
N PHE C 224 21.16 6.21 -20.15
CA PHE C 224 21.69 7.56 -20.13
C PHE C 224 22.14 8.01 -21.52
N LEU C 225 22.83 7.13 -22.23
CA LEU C 225 23.33 7.46 -23.57
C LEU C 225 22.23 7.48 -24.61
N THR C 226 21.37 6.46 -24.61
CA THR C 226 20.32 6.33 -25.61
C THR C 226 19.22 7.39 -25.42
N THR C 227 19.26 8.10 -24.30
CA THR C 227 18.26 9.12 -24.02
C THR C 227 18.54 10.39 -24.83
N ALA C 228 19.81 10.60 -25.18
CA ALA C 228 20.20 11.75 -25.98
C ALA C 228 19.53 11.73 -27.36
N LYS C 229 19.33 12.91 -27.93
CA LYS C 229 18.75 13.02 -29.26
C LYS C 229 19.82 13.33 -30.30
N ASP C 230 19.87 12.53 -31.35
CA ASP C 230 20.89 12.66 -32.38
C ASP C 230 22.29 12.55 -31.77
N LYS C 231 22.37 11.83 -30.65
CA LYS C 231 23.62 11.59 -29.95
C LYS C 231 24.39 12.86 -29.57
N ASN C 232 23.66 13.94 -29.27
CA ASN C 232 24.33 15.20 -28.96
C ASN C 232 23.63 16.09 -27.93
N ARG C 233 22.49 15.65 -27.41
CA ARG C 233 21.75 16.49 -26.46
C ARG C 233 20.66 15.74 -25.68
N TRP C 234 20.42 16.18 -24.46
CA TRP C 234 19.31 15.71 -23.66
C TRP C 234 18.30 16.85 -23.56
N GLU C 235 17.07 16.60 -23.98
CA GLU C 235 16.08 17.67 -24.02
C GLU C 235 14.63 17.19 -23.84
N ASP C 236 13.79 18.10 -23.37
CA ASP C 236 12.36 17.85 -23.23
C ASP C 236 11.58 19.04 -23.76
N PRO C 237 10.30 18.83 -24.09
CA PRO C 237 9.43 19.94 -24.50
C PRO C 237 9.26 20.93 -23.35
N GLY C 238 9.72 22.16 -23.56
CA GLY C 238 9.69 23.19 -22.55
C GLY C 238 10.78 24.22 -22.80
N LYS C 239 11.28 24.84 -21.73
CA LYS C 239 12.39 25.78 -21.85
C LYS C 239 13.57 25.09 -22.53
N GLN C 240 14.16 25.74 -23.51
CA GLN C 240 15.38 25.23 -24.11
C GLN C 240 16.56 25.48 -23.17
N LEU C 241 16.26 26.13 -22.05
CA LEU C 241 17.26 26.36 -21.01
C LEU C 241 17.43 25.14 -20.12
N TYR C 242 16.33 24.40 -19.90
CA TYR C 242 16.42 23.15 -19.16
C TYR C 242 17.29 22.17 -19.94
N ASN C 243 17.32 22.35 -21.27
CA ASN C 243 18.10 21.47 -22.13
C ASN C 243 19.58 21.81 -22.09
N VAL C 244 19.91 23.10 -22.16
CA VAL C 244 21.29 23.54 -22.03
C VAL C 244 21.83 23.07 -20.69
N GLU C 245 20.99 23.14 -19.67
CA GLU C 245 21.34 22.68 -18.33
C GLU C 245 21.54 21.18 -18.30
N ALA C 246 20.50 20.45 -18.69
CA ALA C 246 20.55 18.99 -18.70
C ALA C 246 21.77 18.47 -19.46
N THR C 247 21.99 19.01 -20.65
CA THR C 247 23.10 18.59 -21.48
C THR C 247 24.44 18.95 -20.83
N SER C 248 24.49 20.09 -20.18
CA SER C 248 25.68 20.49 -19.44
C SER C 248 26.03 19.43 -18.41
N TYR C 249 25.02 18.96 -17.68
CA TYR C 249 25.19 17.88 -16.73
C TYR C 249 25.70 16.62 -17.42
N ALA C 250 25.02 16.23 -18.47
CA ALA C 250 25.37 15.02 -19.21
C ALA C 250 26.82 15.07 -19.69
N LEU C 251 27.24 16.23 -20.17
CA LEU C 251 28.61 16.42 -20.63
C LEU C 251 29.60 16.13 -19.51
N LEU C 252 29.30 16.64 -18.32
CA LEU C 252 30.12 16.39 -17.15
C LEU C 252 30.11 14.91 -16.79
N ALA C 253 28.96 14.27 -16.98
CA ALA C 253 28.82 12.84 -16.73
C ALA C 253 29.71 12.06 -17.69
N LEU C 254 29.74 12.49 -18.95
CA LEU C 254 30.57 11.85 -19.96
C LEU C 254 32.05 12.01 -19.64
N LEU C 255 32.43 13.22 -19.25
CA LEU C 255 33.83 13.50 -18.91
C LEU C 255 34.32 12.64 -17.75
N GLN C 256 33.41 12.28 -16.85
CA GLN C 256 33.74 11.40 -15.75
C GLN C 256 33.85 9.96 -16.26
N LEU C 257 33.03 9.64 -17.26
CA LEU C 257 33.09 8.33 -17.90
C LEU C 257 34.30 8.26 -18.83
N LYS C 258 34.90 9.41 -19.09
CA LYS C 258 36.05 9.52 -19.99
C LYS C 258 35.75 8.97 -21.38
N ASP C 259 34.48 8.78 -21.68
CA ASP C 259 34.04 8.35 -23.00
C ASP C 259 34.13 9.53 -23.97
N PHE C 260 35.35 9.85 -24.38
CA PHE C 260 35.61 11.02 -25.22
C PHE C 260 35.01 10.89 -26.62
N ASP C 261 34.68 9.66 -27.02
CA ASP C 261 34.09 9.42 -28.33
C ASP C 261 32.73 10.08 -28.46
N PHE C 262 31.93 10.00 -27.40
CA PHE C 262 30.57 10.52 -27.40
C PHE C 262 30.54 12.04 -27.18
N VAL C 263 31.67 12.58 -26.74
CA VAL C 263 31.73 13.97 -26.28
C VAL C 263 31.62 15.05 -27.36
N PRO C 264 32.44 14.97 -28.43
CA PRO C 264 32.50 16.04 -29.42
C PRO C 264 31.16 16.54 -29.96
N PRO C 265 30.24 15.62 -30.34
CA PRO C 265 28.95 16.11 -30.85
C PRO C 265 28.19 16.93 -29.82
N VAL C 266 28.35 16.58 -28.55
CA VAL C 266 27.69 17.29 -27.46
C VAL C 266 28.27 18.69 -27.30
N VAL C 267 29.59 18.78 -27.17
CA VAL C 267 30.26 20.07 -27.05
C VAL C 267 29.91 20.95 -28.23
N ARG C 268 29.91 20.36 -29.41
CA ARG C 268 29.58 21.08 -30.64
C ARG C 268 28.20 21.72 -30.50
N TRP C 269 27.23 20.94 -30.02
CA TRP C 269 25.86 21.42 -29.88
C TRP C 269 25.74 22.55 -28.87
N LEU C 270 26.37 22.39 -27.71
CA LEU C 270 26.33 23.41 -26.67
C LEU C 270 26.82 24.75 -27.22
N ASN C 271 27.92 24.72 -27.97
CA ASN C 271 28.46 25.92 -28.59
C ASN C 271 27.51 26.51 -29.63
N GLU C 272 26.81 25.64 -30.35
CA GLU C 272 25.89 26.08 -31.39
C GLU C 272 24.72 26.86 -30.81
N GLN C 273 24.50 26.71 -29.51
CA GLN C 273 23.54 27.57 -28.82
C GLN C 273 24.22 28.92 -28.60
N ARG C 274 23.50 30.00 -28.92
CA ARG C 274 24.04 31.34 -28.74
C ARG C 274 24.13 31.68 -27.26
N TYR C 275 24.20 30.66 -26.41
CA TYR C 275 24.12 30.87 -24.98
C TYR C 275 25.43 31.30 -24.33
N TYR C 276 25.36 32.37 -23.55
CA TYR C 276 26.51 32.91 -22.83
C TYR C 276 26.12 33.28 -21.41
N GLY C 277 25.00 32.73 -20.95
CA GLY C 277 24.54 32.94 -19.58
C GLY C 277 23.76 34.23 -19.39
N GLY C 278 23.50 34.57 -18.14
CA GLY C 278 22.78 35.78 -17.81
C GLY C 278 21.32 35.74 -18.22
N GLY C 279 20.50 36.55 -17.56
CA GLY C 279 19.10 36.66 -17.89
C GLY C 279 18.18 36.05 -16.85
N TYR C 280 16.88 36.24 -17.04
CA TYR C 280 15.87 35.71 -16.11
C TYR C 280 15.83 34.19 -16.14
N GLY C 281 15.96 33.58 -14.97
CA GLY C 281 15.87 32.13 -14.84
C GLY C 281 17.00 31.38 -15.53
N SER C 282 18.20 31.95 -15.48
CA SER C 282 19.35 31.36 -16.15
C SER C 282 20.42 30.92 -15.15
N THR C 283 20.09 30.94 -13.87
CA THR C 283 21.06 30.63 -12.82
C THR C 283 21.74 29.27 -13.00
N GLN C 284 20.95 28.23 -13.23
CA GLN C 284 21.50 26.88 -13.37
C GLN C 284 22.17 26.65 -14.73
N ALA C 285 21.51 27.10 -15.79
CA ALA C 285 22.07 26.96 -17.13
C ALA C 285 23.43 27.64 -17.21
N THR C 286 23.53 28.83 -16.63
CA THR C 286 24.77 29.58 -16.60
C THR C 286 25.85 28.86 -15.81
N PHE C 287 25.49 28.38 -14.63
CA PHE C 287 26.43 27.70 -13.74
C PHE C 287 26.90 26.38 -14.35
N MET C 288 25.96 25.62 -14.91
CA MET C 288 26.26 24.29 -15.42
C MET C 288 27.03 24.29 -16.74
N VAL C 289 26.68 25.21 -17.63
CA VAL C 289 27.29 25.22 -18.96
C VAL C 289 28.75 25.68 -18.90
N PHE C 290 29.05 26.62 -18.03
CA PHE C 290 30.41 27.11 -17.91
C PHE C 290 31.29 26.19 -17.05
N GLN C 291 30.66 25.45 -16.14
CA GLN C 291 31.37 24.44 -15.38
C GLN C 291 31.70 23.28 -16.30
N ALA C 292 30.73 22.91 -17.14
CA ALA C 292 30.91 21.81 -18.08
C ALA C 292 32.02 22.13 -19.10
N LEU C 293 31.86 23.23 -19.80
CA LEU C 293 32.83 23.62 -20.83
C LEU C 293 34.23 23.76 -20.24
N ALA C 294 34.33 24.38 -19.07
CA ALA C 294 35.60 24.55 -18.40
C ALA C 294 36.21 23.19 -18.06
N GLN C 295 35.35 22.26 -17.66
CA GLN C 295 35.79 20.92 -17.33
C GLN C 295 36.28 20.20 -18.59
N TYR C 296 35.57 20.42 -19.70
CA TYR C 296 35.96 19.83 -20.98
C TYR C 296 37.34 20.30 -21.40
N GLN C 297 37.54 21.61 -21.42
CA GLN C 297 38.82 22.18 -21.82
C GLN C 297 39.97 21.64 -20.96
N LYS C 298 39.70 21.44 -19.67
CA LYS C 298 40.75 20.99 -18.76
C LYS C 298 41.06 19.50 -18.92
N ASP C 299 40.12 18.76 -19.49
CA ASP C 299 40.32 17.33 -19.73
C ASP C 299 40.67 17.06 -21.18
N ALA C 300 40.72 18.10 -22.00
CA ALA C 300 40.91 17.95 -23.43
C ALA C 300 42.37 17.73 -23.88
N PRO C 301 43.29 18.58 -23.43
CA PRO C 301 44.68 18.49 -23.90
C PRO C 301 45.34 17.16 -23.56
N GLY D 5 41.69 18.23 33.63
CA GLY D 5 41.20 16.91 33.22
C GLY D 5 40.48 16.94 31.88
N LYS D 6 41.12 17.55 30.89
CA LYS D 6 40.56 17.65 29.55
C LYS D 6 40.33 16.26 28.96
N CYS D 7 39.29 16.20 28.10
CA CYS D 7 38.80 15.03 27.31
C CYS D 7 39.04 15.13 25.76
N GLY D 8 39.15 14.02 25.02
CA GLY D 8 39.23 14.07 23.57
C GLY D 8 37.91 14.28 22.86
N PRO D 9 37.87 13.97 21.56
CA PRO D 9 36.68 14.16 20.73
C PRO D 9 35.52 13.27 21.18
N PRO D 10 34.28 13.78 21.06
CA PRO D 10 33.09 13.00 21.41
C PRO D 10 32.96 11.75 20.54
N PRO D 11 32.43 10.66 21.11
CA PRO D 11 32.30 9.41 20.35
C PRO D 11 31.26 9.52 19.25
N PRO D 12 31.40 8.72 18.19
CA PRO D 12 30.44 8.73 17.09
C PRO D 12 29.24 7.85 17.43
N ILE D 13 28.09 8.15 16.84
CA ILE D 13 26.92 7.29 16.99
C ILE D 13 26.34 7.01 15.62
N ASP D 14 25.77 5.83 15.45
CA ASP D 14 25.10 5.48 14.20
C ASP D 14 23.92 6.40 13.95
N ASN D 15 23.81 6.89 12.72
CA ASN D 15 22.64 7.65 12.29
C ASN D 15 22.39 8.90 13.12
N GLY D 16 23.46 9.48 13.64
CA GLY D 16 23.39 10.71 14.42
C GLY D 16 24.73 11.41 14.46
N ASP D 17 24.74 12.59 15.04
CA ASP D 17 25.96 13.38 15.12
C ASP D 17 25.79 14.42 16.22
N ILE D 18 26.88 15.13 16.55
CA ILE D 18 26.80 16.22 17.52
C ILE D 18 26.33 17.49 16.83
N THR D 19 25.70 18.38 17.59
CA THR D 19 25.12 19.59 17.03
C THR D 19 26.16 20.67 16.80
N SER D 20 27.36 20.47 17.34
CA SER D 20 28.44 21.43 17.21
C SER D 20 29.60 20.85 16.42
N PHE D 21 30.52 21.71 16.01
CA PHE D 21 31.70 21.25 15.30
C PHE D 21 32.66 20.60 16.29
N PRO D 22 33.18 19.41 15.94
CA PRO D 22 34.05 18.64 16.84
C PRO D 22 35.43 19.27 17.00
N LEU D 23 35.93 19.25 18.22
CA LEU D 23 37.27 19.72 18.53
C LEU D 23 38.09 18.53 19.02
N SER D 24 39.41 18.63 18.93
CA SER D 24 40.26 17.53 19.35
C SER D 24 40.40 17.42 20.87
N VAL D 25 40.12 18.51 21.58
CA VAL D 25 40.22 18.49 23.05
C VAL D 25 39.19 19.40 23.73
N TYR D 26 38.57 18.89 24.78
CA TYR D 26 37.54 19.62 25.51
C TYR D 26 37.92 19.82 26.97
N ALA D 27 37.64 21.01 27.50
CA ALA D 27 37.95 21.32 28.88
C ALA D 27 36.99 20.61 29.84
N PRO D 28 37.43 20.37 31.08
CA PRO D 28 36.58 19.72 32.08
C PRO D 28 35.21 20.39 32.19
N ALA D 29 34.17 19.59 32.40
CA ALA D 29 32.80 20.09 32.55
C ALA D 29 32.16 20.51 31.22
N SER D 30 32.91 20.38 30.13
CA SER D 30 32.36 20.69 28.81
C SER D 30 31.23 19.74 28.45
N SER D 31 30.41 20.13 27.48
CA SER D 31 29.29 19.30 27.07
C SER D 31 28.97 19.50 25.58
N VAL D 32 28.47 18.45 24.95
CA VAL D 32 27.97 18.54 23.58
C VAL D 32 26.67 17.76 23.48
N GLU D 33 25.90 18.05 22.44
CA GLU D 33 24.60 17.39 22.28
C GLU D 33 24.49 16.68 20.93
N TYR D 34 23.80 15.54 20.94
CA TYR D 34 23.57 14.76 19.73
C TYR D 34 22.16 14.97 19.20
N GLN D 35 22.00 14.77 17.91
CA GLN D 35 20.67 14.56 17.34
C GLN D 35 20.73 13.50 16.25
N CYS D 36 19.64 12.78 16.07
CA CYS D 36 19.61 11.68 15.11
C CYS D 36 19.12 12.16 13.76
N GLN D 37 19.37 11.35 12.73
CA GLN D 37 18.89 11.66 11.39
C GLN D 37 17.37 11.64 11.36
N ASN D 38 16.79 12.23 10.32
CA ASN D 38 15.34 12.28 10.20
C ASN D 38 14.70 10.90 10.37
N LEU D 39 13.67 10.85 11.19
CA LEU D 39 12.89 9.62 11.41
C LEU D 39 13.55 8.63 12.37
N TYR D 40 14.81 8.89 12.74
CA TYR D 40 15.45 8.09 13.78
C TYR D 40 15.13 8.68 15.15
N GLN D 41 14.99 7.83 16.15
CA GLN D 41 14.57 8.29 17.48
C GLN D 41 15.70 8.19 18.49
N LEU D 42 15.91 9.27 19.22
CA LEU D 42 16.97 9.33 20.22
C LEU D 42 16.60 8.56 21.48
N GLU D 43 17.51 7.71 21.95
CA GLU D 43 17.32 7.00 23.21
C GLU D 43 18.49 7.24 24.14
N GLY D 44 18.19 7.66 25.37
CA GLY D 44 19.22 8.03 26.33
C GLY D 44 19.37 9.53 26.40
N ASN D 45 20.39 9.99 27.12
CA ASN D 45 20.62 11.42 27.29
C ASN D 45 21.24 12.02 26.03
N LYS D 46 20.57 13.02 25.46
CA LYS D 46 21.05 13.65 24.24
C LYS D 46 22.30 14.49 24.50
N ARG D 47 22.55 14.76 25.78
CA ARG D 47 23.70 15.57 26.18
C ARG D 47 24.74 14.69 26.83
N ILE D 48 26.01 14.97 26.55
CA ILE D 48 27.10 14.28 27.23
C ILE D 48 28.03 15.32 27.83
N THR D 49 28.67 14.98 28.94
CA THR D 49 29.55 15.92 29.64
C THR D 49 30.92 15.31 29.93
N CYS D 50 31.94 16.15 29.88
CA CYS D 50 33.29 15.72 30.20
C CYS D 50 33.55 15.80 31.71
N ARG D 51 33.61 14.64 32.36
CA ARG D 51 33.92 14.57 33.77
C ARG D 51 35.17 13.71 34.00
N ASN D 52 36.19 14.31 34.61
CA ASN D 52 37.42 13.60 34.92
C ASN D 52 38.05 12.96 33.69
N GLY D 53 38.14 13.74 32.61
CA GLY D 53 38.79 13.30 31.39
C GLY D 53 38.06 12.22 30.61
N GLN D 54 36.78 11.99 30.95
CA GLN D 54 35.98 10.97 30.27
C GLN D 54 34.60 11.51 29.91
N TRP D 55 34.13 11.15 28.70
CA TRP D 55 32.80 11.54 28.27
C TRP D 55 31.75 10.63 28.89
N SER D 56 30.61 11.21 29.26
CA SER D 56 29.48 10.41 29.72
C SER D 56 28.93 9.58 28.55
N GLU D 57 28.19 8.53 28.88
CA GLU D 57 27.65 7.62 27.87
C GLU D 57 26.79 8.33 26.81
N PRO D 58 27.09 8.09 25.53
CA PRO D 58 26.32 8.67 24.42
C PRO D 58 25.01 7.91 24.19
N PRO D 59 24.05 8.55 23.52
CA PRO D 59 22.75 7.94 23.21
C PRO D 59 22.77 7.08 21.95
N LYS D 60 21.65 6.41 21.66
CA LYS D 60 21.50 5.64 20.43
C LYS D 60 20.46 6.30 19.54
N CYS D 61 20.52 5.98 18.25
CA CYS D 61 19.50 6.44 17.31
C CYS D 61 18.67 5.26 16.80
N LEU D 62 17.50 5.07 17.39
CA LEU D 62 16.65 3.91 17.10
C LEU D 62 16.03 3.99 15.71
N HIS D 63 16.10 2.89 14.97
CA HIS D 63 15.66 2.85 13.57
C HIS D 63 14.17 3.00 13.39
N PRO D 64 13.76 3.65 12.30
CA PRO D 64 12.35 3.66 11.92
C PRO D 64 12.02 2.34 11.23
N CYS D 65 10.74 2.04 11.09
CA CYS D 65 10.32 0.83 10.39
C CYS D 65 9.78 1.20 9.01
N VAL D 66 9.86 0.26 8.09
CA VAL D 66 9.21 0.43 6.80
C VAL D 66 8.05 -0.56 6.71
N ILE D 67 6.88 -0.04 6.37
CA ILE D 67 5.72 -0.91 6.17
C ILE D 67 5.85 -1.62 4.83
N SER D 68 5.96 -2.94 4.87
CA SER D 68 6.08 -3.74 3.66
C SER D 68 4.70 -4.18 3.13
N ARG D 69 4.35 -3.75 1.92
CA ARG D 69 3.09 -4.18 1.31
C ARG D 69 3.17 -5.64 0.90
N GLU D 70 4.40 -6.13 0.71
CA GLU D 70 4.61 -7.53 0.38
C GLU D 70 4.26 -8.43 1.55
N ILE D 71 4.73 -8.05 2.74
CA ILE D 71 4.45 -8.82 3.94
C ILE D 71 2.96 -8.80 4.27
N MET D 72 2.33 -7.63 4.10
CA MET D 72 0.91 -7.48 4.38
C MET D 72 0.07 -8.41 3.52
N GLU D 73 0.34 -8.42 2.21
CA GLU D 73 -0.36 -9.30 1.28
C GLU D 73 -0.15 -10.76 1.64
N ASN D 74 1.07 -11.08 2.03
CA ASN D 74 1.42 -12.44 2.39
C ASN D 74 0.70 -12.86 3.69
N TYR D 75 0.41 -11.88 4.54
CA TYR D 75 -0.24 -12.15 5.81
C TYR D 75 -1.74 -11.87 5.79
N ASN D 76 -2.27 -11.58 4.61
CA ASN D 76 -3.69 -11.34 4.42
C ASN D 76 -4.23 -10.14 5.21
N ILE D 77 -3.38 -9.14 5.40
CA ILE D 77 -3.77 -7.94 6.13
C ILE D 77 -3.68 -6.69 5.27
N ALA D 78 -4.31 -5.61 5.74
CA ALA D 78 -4.31 -4.35 5.02
C ALA D 78 -4.28 -3.17 5.99
N LEU D 79 -3.93 -2.00 5.48
CA LEU D 79 -3.91 -0.79 6.29
C LEU D 79 -5.33 -0.27 6.51
N ARG D 80 -5.61 0.17 7.73
CA ARG D 80 -6.93 0.68 8.09
C ARG D 80 -7.16 2.06 7.46
N TRP D 81 -6.11 2.85 7.41
CA TRP D 81 -6.19 4.19 6.82
C TRP D 81 -5.29 4.26 5.60
N THR D 82 -5.88 4.15 4.42
CA THR D 82 -5.12 3.95 3.18
C THR D 82 -4.93 5.21 2.34
N ALA D 83 -5.63 6.29 2.69
CA ALA D 83 -5.38 7.58 2.05
C ALA D 83 -4.22 8.23 2.76
N LYS D 84 -4.21 8.10 4.08
CA LYS D 84 -3.08 8.49 4.90
C LYS D 84 -2.01 7.42 4.74
N GLN D 85 -1.31 7.46 3.61
CA GLN D 85 -0.38 6.40 3.25
C GLN D 85 1.00 6.51 3.89
N LYS D 86 1.11 6.05 5.14
CA LYS D 86 2.40 6.03 5.82
C LYS D 86 3.31 4.94 5.26
N LEU D 87 4.53 5.33 4.92
CA LEU D 87 5.54 4.40 4.44
C LEU D 87 6.44 4.03 5.62
N TYR D 88 6.96 5.05 6.29
CA TYR D 88 7.81 4.88 7.45
C TYR D 88 7.04 5.03 8.75
N LEU D 89 7.57 4.41 9.79
CA LEU D 89 7.05 4.60 11.15
C LEU D 89 8.22 4.88 12.07
N ARG D 90 8.14 5.97 12.81
CA ARG D 90 9.14 6.25 13.83
C ARG D 90 9.05 5.17 14.89
N THR D 91 10.17 4.84 15.50
CA THR D 91 10.14 4.01 16.69
C THR D 91 9.14 4.63 17.65
N GLY D 92 8.23 3.82 18.18
CA GLY D 92 7.20 4.31 19.08
C GLY D 92 5.88 4.59 18.39
N GLU D 93 5.91 4.79 17.07
CA GLU D 93 4.68 4.96 16.30
C GLU D 93 4.00 3.62 16.04
N SER D 94 2.67 3.62 16.10
CA SER D 94 1.91 2.40 15.89
C SER D 94 1.06 2.48 14.63
N VAL D 95 0.62 1.34 14.15
CA VAL D 95 -0.22 1.23 12.97
CA VAL D 95 -0.23 1.30 13.00
C VAL D 95 -1.38 0.32 13.30
N GLU D 96 -2.50 0.54 12.65
CA GLU D 96 -3.65 -0.34 12.78
C GLU D 96 -3.87 -1.08 11.47
N PHE D 97 -3.81 -2.40 11.55
CA PHE D 97 -4.13 -3.25 10.40
C PHE D 97 -5.54 -3.80 10.52
N VAL D 98 -6.13 -4.14 9.37
CA VAL D 98 -7.38 -4.87 9.34
C VAL D 98 -7.17 -6.12 8.49
N CYS D 99 -7.92 -7.17 8.80
CA CYS D 99 -7.91 -8.37 7.97
C CYS D 99 -8.46 -8.04 6.59
N LYS D 100 -7.92 -8.69 5.57
CA LYS D 100 -8.50 -8.57 4.24
C LYS D 100 -9.76 -9.42 4.19
N ARG D 101 -10.65 -9.11 3.26
CA ARG D 101 -11.91 -9.82 3.15
C ARG D 101 -11.70 -11.33 3.01
N GLY D 102 -12.39 -12.11 3.83
CA GLY D 102 -12.30 -13.55 3.77
C GLY D 102 -11.36 -14.15 4.80
N TYR D 103 -10.78 -13.30 5.64
CA TYR D 103 -9.84 -13.75 6.66
C TYR D 103 -10.18 -13.17 8.02
N ARG D 104 -9.70 -13.83 9.08
CA ARG D 104 -9.94 -13.36 10.43
C ARG D 104 -8.64 -13.45 11.24
N LEU D 105 -8.47 -12.60 12.20
CA LEU D 105 -7.28 -12.60 13.00
C LEU D 105 -7.00 -13.98 13.51
N SER D 106 -5.79 -14.45 13.31
CA SER D 106 -5.48 -15.79 13.67
C SER D 106 -5.17 -15.98 15.14
N SER D 107 -5.25 -17.22 15.57
CA SER D 107 -5.10 -17.62 16.94
C SER D 107 -3.81 -17.17 17.57
N ARG D 108 -2.72 -17.47 16.91
CA ARG D 108 -1.43 -17.15 17.43
C ARG D 108 -0.88 -15.95 16.72
N SER D 109 -1.55 -14.83 16.87
CA SER D 109 -1.16 -13.64 16.13
C SER D 109 -0.90 -12.48 17.10
N HIS D 110 -0.10 -11.52 16.65
CA HIS D 110 0.03 -10.27 17.38
C HIS D 110 -1.25 -9.47 17.18
N THR D 111 -1.50 -8.54 18.10
CA THR D 111 -2.67 -7.67 17.99
C THR D 111 -2.68 -6.90 16.66
N LEU D 112 -3.86 -6.59 16.15
CA LEU D 112 -3.99 -5.88 14.88
C LEU D 112 -3.31 -4.51 14.89
N ARG D 113 -3.11 -3.97 16.08
CA ARG D 113 -2.37 -2.72 16.24
C ARG D 113 -0.94 -3.02 16.65
N THR D 114 0.01 -2.44 15.98
CA THR D 114 1.35 -2.80 16.32
C THR D 114 2.31 -1.62 16.26
N THR D 115 3.27 -1.57 17.16
CA THR D 115 4.20 -0.45 17.34
C THR D 115 5.58 -0.79 16.80
N CYS D 116 6.11 0.09 15.96
CA CYS D 116 7.47 -0.03 15.46
C CYS D 116 8.47 0.17 16.59
N TRP D 117 9.49 -0.67 16.64
CA TRP D 117 10.60 -0.42 17.56
C TRP D 117 11.96 -0.78 16.95
N ASP D 118 12.81 0.23 16.83
CA ASP D 118 14.17 0.06 16.33
C ASP D 118 14.20 -0.79 15.06
N GLY D 119 13.32 -0.47 14.12
CA GLY D 119 13.32 -1.11 12.82
C GLY D 119 12.48 -2.38 12.76
N LYS D 120 12.06 -2.86 13.92
CA LYS D 120 11.29 -4.10 13.98
C LYS D 120 9.78 -3.86 14.17
N LEU D 121 9.01 -4.30 13.19
CA LEU D 121 7.56 -4.20 13.23
C LEU D 121 6.97 -5.60 13.17
N GLU D 122 6.16 -5.98 14.16
CA GLU D 122 5.53 -7.29 14.15
C GLU D 122 4.18 -7.27 13.44
N TYR D 123 4.13 -7.86 12.25
CA TYR D 123 2.88 -7.92 11.50
C TYR D 123 1.95 -9.00 12.04
N PRO D 124 0.67 -8.67 12.20
CA PRO D 124 -0.32 -9.68 12.59
C PRO D 124 -0.66 -10.58 11.41
N THR D 125 -1.16 -11.78 11.70
CA THR D 125 -1.60 -12.68 10.65
C THR D 125 -3.11 -12.90 10.73
N CYS D 126 -3.75 -12.92 9.58
CA CYS D 126 -5.17 -13.27 9.50
C CYS D 126 -5.34 -14.55 8.70
N ALA D 127 -6.09 -15.50 9.25
CA ALA D 127 -6.26 -16.82 8.62
C ALA D 127 -7.59 -16.95 7.90
N LYS D 128 -7.68 -17.94 7.02
CA LYS D 128 -8.91 -18.22 6.29
C LYS D 128 -10.06 -18.43 7.26
N ARG D 129 -11.20 -17.81 6.99
CA ARG D 129 -12.36 -17.96 7.85
C ARG D 129 -13.33 -19.00 7.30
N GLY E 5 14.20 22.25 22.99
CA GLY E 5 14.13 22.05 21.55
C GLY E 5 13.43 23.19 20.84
N LYS E 6 14.15 24.28 20.62
CA LYS E 6 13.60 25.43 19.91
C LYS E 6 13.41 25.11 18.43
N CYS E 7 12.46 25.78 17.79
CA CYS E 7 12.21 25.59 16.38
C CYS E 7 12.53 26.86 15.59
N GLY E 8 12.85 26.69 14.31
CA GLY E 8 13.04 27.81 13.42
C GLY E 8 11.69 28.33 12.94
N PRO E 9 11.69 29.11 11.85
CA PRO E 9 10.43 29.62 11.30
C PRO E 9 9.50 28.47 10.93
N PRO E 10 8.19 28.67 11.08
CA PRO E 10 7.21 27.68 10.62
C PRO E 10 7.22 27.60 9.10
N PRO E 11 6.89 26.43 8.53
CA PRO E 11 6.93 26.22 7.08
C PRO E 11 5.91 27.05 6.30
N PRO E 12 6.24 27.38 5.05
CA PRO E 12 5.35 28.13 4.16
C PRO E 12 4.37 27.21 3.44
N ILE E 13 3.18 27.70 3.16
CA ILE E 13 2.19 26.93 2.41
C ILE E 13 1.66 27.73 1.23
N ASP E 14 1.26 27.04 0.18
CA ASP E 14 0.72 27.69 -1.00
C ASP E 14 -0.66 28.29 -0.70
N ASN E 15 -0.95 29.43 -1.31
CA ASN E 15 -2.25 30.07 -1.19
C ASN E 15 -2.74 30.23 0.25
N GLY E 16 -1.81 30.53 1.14
CA GLY E 16 -2.14 30.73 2.54
C GLY E 16 -0.95 31.25 3.33
N ASP E 17 -1.21 31.66 4.57
CA ASP E 17 -0.17 32.21 5.42
C ASP E 17 -0.54 31.91 6.86
N ILE E 18 0.32 32.30 7.80
CA ILE E 18 -0.01 32.17 9.21
C ILE E 18 -0.79 33.39 9.69
N THR E 19 -1.58 33.22 10.74
CA THR E 19 -2.42 34.29 11.26
C THR E 19 -1.65 35.24 12.16
N SER E 20 -0.34 34.99 12.28
CA SER E 20 0.53 35.86 13.06
C SER E 20 1.75 36.22 12.23
N PHE E 21 2.67 36.97 12.81
CA PHE E 21 3.90 37.33 12.11
C PHE E 21 5.04 36.38 12.49
N PRO E 22 5.79 35.92 11.49
CA PRO E 22 6.80 34.88 11.69
C PRO E 22 7.99 35.34 12.53
N LEU E 23 8.48 34.45 13.38
CA LEU E 23 9.70 34.70 14.15
C LEU E 23 10.79 33.81 13.57
N SER E 24 12.03 34.04 13.99
CA SER E 24 13.14 33.21 13.53
C SER E 24 13.40 32.05 14.49
N VAL E 25 12.95 32.21 15.73
CA VAL E 25 13.08 31.15 16.72
C VAL E 25 11.81 31.07 17.59
N TYR E 26 11.37 29.84 17.86
CA TYR E 26 10.17 29.62 18.66
C TYR E 26 10.47 28.75 19.87
N ALA E 27 10.00 29.18 21.03
CA ALA E 27 10.15 28.39 22.24
C ALA E 27 9.45 27.04 22.06
N PRO E 28 9.91 26.02 22.80
CA PRO E 28 9.23 24.71 22.73
C PRO E 28 7.76 24.85 23.12
N ALA E 29 6.91 24.05 22.48
CA ALA E 29 5.47 24.05 22.76
C ALA E 29 4.76 25.29 22.22
N SER E 30 5.44 26.03 21.33
CA SER E 30 4.83 27.17 20.68
C SER E 30 3.91 26.69 19.56
N SER E 31 2.85 27.46 19.29
CA SER E 31 1.95 27.13 18.20
C SER E 31 1.68 28.33 17.31
N VAL E 32 1.43 28.06 16.03
CA VAL E 32 0.99 29.07 15.10
C VAL E 32 -0.13 28.49 14.24
N GLU E 33 -1.00 29.36 13.74
CA GLU E 33 -2.13 28.89 12.95
C GLU E 33 -2.06 29.40 11.51
N TYR E 34 -2.53 28.58 10.58
CA TYR E 34 -2.58 28.96 9.19
C TYR E 34 -3.98 29.37 8.77
N GLN E 35 -4.05 30.15 7.70
CA GLN E 35 -5.32 30.51 7.09
C GLN E 35 -5.11 30.50 5.58
N CYS E 36 -6.07 29.96 4.84
CA CYS E 36 -5.99 29.91 3.39
C CYS E 36 -6.63 31.14 2.76
N GLN E 37 -6.30 31.42 1.51
CA GLN E 37 -6.93 32.50 0.79
C GLN E 37 -8.40 32.18 0.56
N ASN E 38 -9.17 33.20 0.20
CA ASN E 38 -10.61 33.04 0.04
C ASN E 38 -10.97 31.93 -0.94
N LEU E 39 -11.92 31.09 -0.53
CA LEU E 39 -12.43 30.00 -1.36
C LEU E 39 -11.48 28.80 -1.41
N TYR E 40 -10.33 28.92 -0.75
CA TYR E 40 -9.43 27.79 -0.58
C TYR E 40 -9.77 27.08 0.71
N GLN E 41 -9.82 25.75 0.68
CA GLN E 41 -10.20 24.98 1.85
C GLN E 41 -8.98 24.37 2.53
N LEU E 42 -8.79 24.70 3.81
CA LEU E 42 -7.67 24.19 4.58
C LEU E 42 -7.86 22.72 4.92
N GLU E 43 -6.86 21.90 4.60
CA GLU E 43 -6.90 20.48 4.93
C GLU E 43 -5.79 20.11 5.89
N GLY E 44 -6.17 19.54 7.03
CA GLY E 44 -5.22 19.16 8.05
C GLY E 44 -5.37 19.98 9.31
N ASN E 45 -4.31 20.04 10.12
CA ASN E 45 -4.29 20.85 11.34
C ASN E 45 -4.02 22.31 11.01
N LYS E 46 -4.97 23.18 11.33
CA LYS E 46 -4.76 24.61 11.08
C LYS E 46 -3.77 25.18 12.09
N ARG E 47 -3.56 24.43 13.17
CA ARG E 47 -2.57 24.82 14.18
C ARG E 47 -1.43 23.82 14.22
N ILE E 48 -0.20 24.32 14.10
CA ILE E 48 0.97 23.47 14.23
C ILE E 48 1.69 23.78 15.53
N THR E 49 2.45 22.81 16.03
CA THR E 49 3.11 22.95 17.32
C THR E 49 4.59 22.59 17.25
N CYS E 50 5.42 23.40 17.90
CA CYS E 50 6.85 23.14 17.98
C CYS E 50 7.16 22.20 19.13
N ARG E 51 7.73 21.03 18.81
CA ARG E 51 8.15 20.08 19.84
C ARG E 51 9.44 19.36 19.46
N ASN E 52 10.45 19.54 20.30
CA ASN E 52 11.77 18.94 20.06
C ASN E 52 12.45 19.46 18.79
N GLY E 53 12.43 20.78 18.61
CA GLY E 53 13.11 21.41 17.50
C GLY E 53 12.51 21.09 16.15
N GLN E 54 11.27 20.62 16.14
CA GLN E 54 10.58 20.31 14.88
C GLN E 54 9.13 20.75 14.91
N TRP E 55 8.66 21.27 13.79
CA TRP E 55 7.25 21.64 13.65
C TRP E 55 6.41 20.43 13.27
N SER E 56 5.19 20.36 13.82
CA SER E 56 4.26 19.33 13.40
C SER E 56 3.82 19.58 11.97
N GLU E 57 3.19 18.57 11.35
CA GLU E 57 2.82 18.65 9.95
C GLU E 57 1.91 19.84 9.65
N PRO E 58 2.35 20.72 8.74
CA PRO E 58 1.56 21.88 8.35
C PRO E 58 0.43 21.46 7.41
N PRO E 59 -0.67 22.24 7.38
CA PRO E 59 -1.80 21.90 6.52
C PRO E 59 -1.51 22.26 5.08
N LYS E 60 -2.51 22.09 4.22
CA LYS E 60 -2.44 22.57 2.85
C LYS E 60 -3.75 23.26 2.46
N CYS E 61 -3.75 23.93 1.32
CA CYS E 61 -4.93 24.67 0.90
C CYS E 61 -5.48 24.10 -0.41
N LEU E 62 -6.62 23.42 -0.31
CA LEU E 62 -7.24 22.79 -1.47
C LEU E 62 -7.88 23.81 -2.41
N HIS E 63 -7.51 23.73 -3.68
CA HIS E 63 -7.99 24.69 -4.66
C HIS E 63 -9.49 24.63 -4.86
N PRO E 64 -10.11 25.80 -5.09
CA PRO E 64 -11.49 25.87 -5.57
C PRO E 64 -11.49 25.64 -7.07
N CYS E 65 -12.65 25.62 -7.69
CA CYS E 65 -12.74 25.38 -9.12
C CYS E 65 -13.48 26.53 -9.81
N VAL E 66 -13.10 26.81 -11.05
CA VAL E 66 -13.82 27.77 -11.86
C VAL E 66 -14.79 27.05 -12.78
N ILE E 67 -16.02 27.55 -12.87
CA ILE E 67 -17.00 26.99 -13.78
C ILE E 67 -16.87 27.65 -15.14
N SER E 68 -16.37 26.90 -16.11
CA SER E 68 -16.09 27.45 -17.44
C SER E 68 -17.29 27.37 -18.39
N ARG E 69 -17.68 28.52 -18.93
CA ARG E 69 -18.79 28.59 -19.88
CA ARG E 69 -18.79 28.59 -19.88
C ARG E 69 -18.37 28.04 -21.23
N GLU E 70 -17.09 28.16 -21.57
CA GLU E 70 -16.60 27.64 -22.83
C GLU E 70 -16.84 26.14 -22.86
N ILE E 71 -16.61 25.49 -21.72
CA ILE E 71 -16.81 24.06 -21.61
C ILE E 71 -18.29 23.74 -21.58
N MET E 72 -19.07 24.52 -20.85
CA MET E 72 -20.51 24.34 -20.78
C MET E 72 -21.14 24.40 -22.17
N GLU E 73 -20.74 25.41 -22.95
CA GLU E 73 -21.23 25.54 -24.32
C GLU E 73 -20.74 24.40 -25.19
N ASN E 74 -19.46 24.05 -25.06
CA ASN E 74 -18.91 22.91 -25.78
C ASN E 74 -19.67 21.61 -25.50
N TYR E 75 -20.10 21.44 -24.26
CA TYR E 75 -20.71 20.19 -23.83
C TYR E 75 -22.24 20.20 -23.87
N ASN E 76 -22.80 21.33 -24.28
CA ASN E 76 -24.25 21.43 -24.42
C ASN E 76 -24.96 21.33 -23.08
N ILE E 77 -24.38 21.95 -22.07
CA ILE E 77 -24.96 21.95 -20.73
C ILE E 77 -25.14 23.36 -20.23
N ALA E 78 -26.10 23.55 -19.34
CA ALA E 78 -26.35 24.85 -18.74
C ALA E 78 -26.55 24.69 -17.24
N LEU E 79 -26.53 25.81 -16.52
CA LEU E 79 -26.77 25.81 -15.08
C LEU E 79 -28.25 26.03 -14.74
N ARG E 80 -28.70 25.40 -13.66
CA ARG E 80 -30.07 25.52 -13.21
C ARG E 80 -30.39 26.94 -12.78
N GLN E 85 -25.21 31.99 -12.11
CA GLN E 85 -24.13 32.96 -12.11
C GLN E 85 -23.05 32.59 -11.09
N LYS E 86 -22.93 31.30 -10.82
CA LYS E 86 -21.86 30.79 -9.97
C LYS E 86 -20.54 30.91 -10.71
N LEU E 87 -19.49 31.29 -9.98
CA LEU E 87 -18.18 31.48 -10.59
C LEU E 87 -17.18 30.45 -10.08
N TYR E 88 -17.06 30.36 -8.76
CA TYR E 88 -16.12 29.44 -8.15
C TYR E 88 -16.81 28.45 -7.22
N LEU E 89 -16.35 27.21 -7.25
CA LEU E 89 -16.80 26.22 -6.28
C LEU E 89 -15.64 25.88 -5.35
N ARG E 90 -15.91 25.84 -4.05
CA ARG E 90 -14.93 25.36 -3.10
C ARG E 90 -14.75 23.86 -3.31
N THR E 91 -13.64 23.33 -2.80
CA THR E 91 -13.49 21.89 -2.71
C THR E 91 -14.65 21.37 -1.86
N GLY E 92 -15.30 20.31 -2.32
CA GLY E 92 -16.42 19.73 -1.59
C GLY E 92 -17.77 20.31 -1.96
N GLU E 93 -17.78 21.39 -2.73
CA GLU E 93 -19.01 22.03 -3.15
C GLU E 93 -19.48 21.49 -4.50
N SER E 94 -20.79 21.35 -4.67
CA SER E 94 -21.35 20.75 -5.86
C SER E 94 -22.19 21.72 -6.69
N VAL E 95 -22.34 21.39 -7.97
CA VAL E 95 -23.26 22.13 -8.84
C VAL E 95 -24.09 21.15 -9.66
N GLU E 96 -25.31 21.56 -10.00
CA GLU E 96 -26.20 20.69 -10.75
C GLU E 96 -26.44 21.23 -12.16
N PHE E 97 -25.87 20.55 -13.15
CA PHE E 97 -26.05 20.95 -14.55
C PHE E 97 -27.30 20.36 -15.18
N VAL E 98 -27.79 21.01 -16.24
CA VAL E 98 -28.90 20.46 -17.02
C VAL E 98 -28.51 20.45 -18.50
N CYS E 99 -28.95 19.43 -19.23
CA CYS E 99 -28.76 19.40 -20.67
C CYS E 99 -29.51 20.57 -21.29
N LYS E 100 -28.94 21.14 -22.35
CA LYS E 100 -29.66 22.15 -23.11
C LYS E 100 -30.88 21.49 -23.71
N ARG E 101 -31.93 22.27 -23.94
CA ARG E 101 -33.14 21.74 -24.56
C ARG E 101 -32.80 21.04 -25.87
N GLY E 102 -33.23 19.78 -25.99
CA GLY E 102 -32.98 19.02 -27.21
C GLY E 102 -31.81 18.07 -27.09
N TYR E 103 -31.12 18.11 -25.96
CA TYR E 103 -29.98 17.24 -25.75
C TYR E 103 -30.19 16.26 -24.60
N ARG E 104 -29.45 15.17 -24.62
CA ARG E 104 -29.51 14.17 -23.56
C ARG E 104 -28.10 13.76 -23.14
N LEU E 105 -27.97 13.24 -21.93
CA LEU E 105 -26.69 12.74 -21.44
C LEU E 105 -26.10 11.73 -22.41
N SER E 106 -24.84 11.93 -22.77
CA SER E 106 -24.15 10.97 -23.63
C SER E 106 -23.89 9.69 -22.83
N SER E 107 -23.66 8.60 -23.54
CA SER E 107 -23.32 7.34 -22.91
C SER E 107 -21.99 7.47 -22.19
N ARG E 108 -21.95 7.03 -20.94
CA ARG E 108 -20.74 7.09 -20.13
C ARG E 108 -20.36 8.52 -19.72
N SER E 109 -21.25 9.46 -19.97
CA SER E 109 -21.04 10.83 -19.53
C SER E 109 -20.96 10.90 -18.01
N HIS E 110 -20.22 11.87 -17.49
CA HIS E 110 -20.21 12.14 -16.07
C HIS E 110 -21.63 12.53 -15.64
N THR E 111 -21.96 12.23 -14.39
CA THR E 111 -23.28 12.57 -13.87
C THR E 111 -23.49 14.09 -13.92
N LEU E 112 -24.75 14.52 -14.00
CA LEU E 112 -25.06 15.96 -14.12
C LEU E 112 -24.63 16.77 -12.90
N ARG E 113 -24.83 16.22 -11.71
CA ARG E 113 -24.34 16.84 -10.50
C ARG E 113 -22.85 16.55 -10.35
N THR E 114 -22.05 17.59 -10.15
CA THR E 114 -20.61 17.37 -10.04
C THR E 114 -20.00 18.18 -8.90
N THR E 115 -18.94 17.63 -8.31
CA THR E 115 -18.32 18.23 -7.14
C THR E 115 -16.88 18.66 -7.42
N CYS E 116 -16.54 19.85 -6.98
CA CYS E 116 -15.18 20.35 -7.07
C CYS E 116 -14.26 19.64 -6.08
N TRP E 117 -13.14 19.13 -6.58
CA TRP E 117 -12.14 18.54 -5.70
C TRP E 117 -10.76 19.09 -6.03
N ASP E 118 -10.23 19.92 -5.13
CA ASP E 118 -8.87 20.42 -5.24
C ASP E 118 -8.54 20.89 -6.65
N GLY E 119 -9.37 21.81 -7.16
CA GLY E 119 -9.14 22.39 -8.46
C GLY E 119 -9.63 21.55 -9.62
N LYS E 120 -10.11 20.35 -9.33
CA LYS E 120 -10.60 19.44 -10.37
C LYS E 120 -12.13 19.42 -10.45
N LEU E 121 -12.66 19.79 -11.62
CA LEU E 121 -14.10 19.76 -11.85
C LEU E 121 -14.40 18.93 -13.08
N GLU E 122 -15.17 17.86 -12.90
CA GLU E 122 -15.57 17.01 -14.03
CA GLU E 122 -15.56 17.01 -14.03
C GLU E 122 -16.91 17.48 -14.58
N TYR E 123 -16.93 17.84 -15.86
CA TYR E 123 -18.17 18.30 -16.49
C TYR E 123 -18.95 17.12 -17.11
N PRO E 124 -20.29 17.19 -17.07
CA PRO E 124 -21.14 16.26 -17.80
C PRO E 124 -21.16 16.64 -19.28
N THR E 125 -21.42 15.67 -20.15
CA THR E 125 -21.50 15.94 -21.58
C THR E 125 -22.85 15.51 -22.16
N CYS E 126 -23.52 16.44 -22.82
CA CYS E 126 -24.80 16.15 -23.45
C CYS E 126 -24.70 16.17 -24.97
N ALA E 127 -25.45 15.29 -25.62
CA ALA E 127 -25.41 15.18 -27.07
C ALA E 127 -26.82 15.15 -27.67
N LYS E 128 -26.91 15.56 -28.93
CA LYS E 128 -28.18 15.61 -29.67
C LYS E 128 -29.01 14.34 -29.49
N ARG E 129 -30.28 14.52 -29.14
CA ARG E 129 -31.21 13.41 -29.05
C ARG E 129 -31.25 12.65 -30.37
N GLY F 5 -4.30 14.79 31.62
CA GLY F 5 -5.67 14.35 31.74
C GLY F 5 -6.23 13.81 30.43
N LYS F 6 -5.75 12.63 30.05
CA LYS F 6 -6.17 12.00 28.79
C LYS F 6 -7.30 11.00 28.99
N CYS F 7 -8.33 11.09 28.16
CA CYS F 7 -9.46 10.18 28.22
C CYS F 7 -9.37 9.15 27.09
N GLY F 8 -9.69 7.90 27.40
CA GLY F 8 -9.79 6.87 26.39
C GLY F 8 -11.05 7.06 25.56
N PRO F 9 -11.23 6.26 24.51
CA PRO F 9 -12.44 6.35 23.70
C PRO F 9 -13.69 6.19 24.55
N PRO F 10 -14.74 6.99 24.28
CA PRO F 10 -15.97 6.98 25.07
C PRO F 10 -16.58 5.58 25.20
N PRO F 11 -17.27 5.32 26.31
CA PRO F 11 -17.81 3.98 26.61
C PRO F 11 -18.99 3.64 25.71
N PRO F 12 -19.17 2.35 25.40
CA PRO F 12 -20.29 1.87 24.60
C PRO F 12 -21.57 1.78 25.42
N ILE F 13 -22.71 1.93 24.75
CA ILE F 13 -24.01 1.77 25.41
C ILE F 13 -24.88 0.84 24.57
N ASP F 14 -25.86 0.20 25.20
CA ASP F 14 -26.74 -0.73 24.51
C ASP F 14 -27.76 0.00 23.64
N ASN F 15 -27.93 -0.50 22.42
CA ASN F 15 -28.93 0.04 21.51
C ASN F 15 -28.70 1.52 21.25
N GLY F 16 -27.44 1.93 21.29
CA GLY F 16 -27.08 3.31 21.03
C GLY F 16 -25.65 3.45 20.55
N ASP F 17 -25.25 4.69 20.30
CA ASP F 17 -23.89 5.00 19.85
C ASP F 17 -23.70 6.51 19.90
N ILE F 18 -22.46 6.96 19.67
CA ILE F 18 -22.17 8.38 19.68
C ILE F 18 -22.48 9.02 18.32
N THR F 19 -22.75 10.31 18.33
CA THR F 19 -23.18 11.02 17.13
C THR F 19 -21.99 11.49 16.29
N SER F 20 -20.79 11.21 16.78
CA SER F 20 -19.58 11.59 16.07
C SER F 20 -18.68 10.37 15.88
N PHE F 21 -17.70 10.49 14.99
CA PHE F 21 -16.73 9.43 14.82
C PHE F 21 -15.72 9.45 15.97
N PRO F 22 -15.49 8.28 16.59
CA PRO F 22 -14.63 8.13 17.77
C PRO F 22 -13.18 8.51 17.50
N LEU F 23 -12.52 9.03 18.53
CA LEU F 23 -11.11 9.39 18.44
C LEU F 23 -10.27 8.44 19.29
N SER F 24 -8.97 8.39 19.01
CA SER F 24 -8.07 7.57 19.80
C SER F 24 -7.93 8.14 21.21
N VAL F 25 -7.85 9.46 21.30
CA VAL F 25 -7.71 10.14 22.57
C VAL F 25 -8.43 11.48 22.56
N TYR F 26 -8.96 11.87 23.71
CA TYR F 26 -9.69 13.13 23.82
C TYR F 26 -9.04 14.11 24.78
N ALA F 27 -9.06 15.38 24.42
CA ALA F 27 -8.55 16.43 25.29
C ALA F 27 -9.51 16.61 26.45
N PRO F 28 -8.99 16.99 27.62
CA PRO F 28 -9.86 17.30 28.76
C PRO F 28 -10.83 18.43 28.42
N ALA F 29 -12.01 18.42 29.03
CA ALA F 29 -13.06 19.40 28.75
C ALA F 29 -13.81 19.08 27.47
N SER F 30 -13.42 18.00 26.80
CA SER F 30 -14.09 17.58 25.57
C SER F 30 -15.35 16.80 25.88
N SER F 31 -16.30 16.79 24.94
CA SER F 31 -17.59 16.15 25.14
C SER F 31 -18.09 15.42 23.91
N VAL F 32 -18.74 14.28 24.12
CA VAL F 32 -19.38 13.54 23.04
C VAL F 32 -20.83 13.23 23.40
N GLU F 33 -21.71 13.25 22.40
CA GLU F 33 -23.14 13.01 22.64
C GLU F 33 -23.55 11.64 22.13
N TYR F 34 -24.54 11.04 22.79
CA TYR F 34 -25.03 9.73 22.41
C TYR F 34 -26.37 9.81 21.69
N GLN F 35 -26.76 8.70 21.11
CA GLN F 35 -27.98 8.59 20.36
C GLN F 35 -28.48 7.18 20.33
N CYS F 36 -29.73 6.99 20.67
CA CYS F 36 -30.31 5.65 20.69
C CYS F 36 -30.84 5.25 19.32
N GLN F 37 -30.97 3.94 19.09
CA GLN F 37 -31.55 3.44 17.86
C GLN F 37 -32.99 3.88 17.74
N ASN F 38 -33.52 3.85 16.52
CA ASN F 38 -34.90 4.23 16.25
C ASN F 38 -35.89 3.65 17.26
N LEU F 39 -36.71 4.53 17.83
CA LEU F 39 -37.76 4.15 18.77
C LEU F 39 -37.29 3.89 20.20
N TYR F 40 -35.99 4.08 20.44
CA TYR F 40 -35.45 3.95 21.79
C TYR F 40 -35.41 5.30 22.47
N GLN F 41 -35.47 5.31 23.81
CA GLN F 41 -35.52 6.55 24.58
C GLN F 41 -34.28 6.76 25.44
N LEU F 42 -33.61 7.88 25.23
CA LEU F 42 -32.47 8.26 26.05
C LEU F 42 -32.91 8.55 27.49
N GLU F 43 -32.17 8.03 28.45
CA GLU F 43 -32.42 8.34 29.86
C GLU F 43 -31.12 8.77 30.52
N GLY F 44 -31.05 10.06 30.88
CA GLY F 44 -29.85 10.61 31.47
C GLY F 44 -29.28 11.73 30.62
N ASN F 45 -28.05 12.11 30.91
CA ASN F 45 -27.39 13.17 30.17
C ASN F 45 -26.99 12.71 28.77
N LYS F 46 -27.60 13.33 27.75
CA LYS F 46 -27.28 13.01 26.36
C LYS F 46 -25.79 13.20 26.08
N ARG F 47 -25.16 14.09 26.85
CA ARG F 47 -23.77 14.46 26.61
C ARG F 47 -22.88 14.09 27.79
N ILE F 48 -21.72 13.50 27.49
CA ILE F 48 -20.72 13.23 28.53
C ILE F 48 -19.48 14.09 28.27
N THR F 49 -18.67 14.29 29.31
CA THR F 49 -17.49 15.13 29.21
C THR F 49 -16.25 14.48 29.81
N CYS F 50 -15.09 14.86 29.31
CA CYS F 50 -13.81 14.34 29.77
C CYS F 50 -13.24 15.22 30.89
N ARG F 51 -13.28 14.71 32.12
CA ARG F 51 -12.77 15.45 33.27
C ARG F 51 -11.78 14.62 34.08
N ASN F 52 -10.52 15.03 34.06
CA ASN F 52 -9.46 14.37 34.84
C ASN F 52 -9.31 12.86 34.58
N GLY F 53 -9.09 12.51 33.32
CA GLY F 53 -8.74 11.14 32.96
C GLY F 53 -9.89 10.22 32.59
N GLN F 54 -11.09 10.51 33.08
CA GLN F 54 -12.23 9.63 32.87
C GLN F 54 -13.44 10.36 32.26
N TRP F 55 -14.43 9.58 31.83
CA TRP F 55 -15.66 10.13 31.29
C TRP F 55 -16.74 10.22 32.35
N SER F 56 -17.64 11.18 32.18
CA SER F 56 -18.85 11.24 32.99
C SER F 56 -19.79 10.12 32.54
N GLU F 57 -20.71 9.72 33.41
CA GLU F 57 -21.57 8.57 33.12
C GLU F 57 -22.38 8.73 31.84
N PRO F 58 -22.40 7.68 31.01
CA PRO F 58 -23.18 7.63 29.77
C PRO F 58 -24.65 7.39 30.04
N PRO F 59 -25.53 7.78 29.11
CA PRO F 59 -26.98 7.61 29.28
C PRO F 59 -27.43 6.18 28.98
N LYS F 60 -28.73 5.94 29.15
CA LYS F 60 -29.31 4.64 28.88
C LYS F 60 -30.23 4.74 27.67
N CYS F 61 -30.64 3.59 27.13
CA CYS F 61 -31.60 3.56 26.04
C CYS F 61 -32.80 2.71 26.43
N LEU F 62 -33.90 3.37 26.76
CA LEU F 62 -35.11 2.68 27.20
C LEU F 62 -35.77 1.92 26.06
N HIS F 63 -35.96 0.62 26.26
CA HIS F 63 -36.55 -0.25 25.25
C HIS F 63 -37.96 0.20 24.87
N PRO F 64 -38.29 0.07 23.58
CA PRO F 64 -39.67 0.23 23.10
C PRO F 64 -40.41 -1.09 23.30
N CYS F 65 -41.70 -1.11 22.96
CA CYS F 65 -42.49 -2.33 23.09
C CYS F 65 -42.89 -2.85 21.72
N VAL F 66 -42.75 -4.16 21.53
CA VAL F 66 -43.15 -4.78 20.27
C VAL F 66 -44.42 -5.60 20.45
N ILE F 67 -45.53 -5.09 19.92
CA ILE F 67 -46.80 -5.78 19.98
C ILE F 67 -46.90 -6.80 18.83
N SER F 68 -46.74 -8.07 19.17
CA SER F 68 -46.71 -9.14 18.17
C SER F 68 -48.09 -9.76 17.96
N ARG F 69 -48.16 -10.82 17.17
CA ARG F 69 -49.44 -11.44 16.90
C ARG F 69 -50.07 -12.10 18.11
N GLU F 70 -49.25 -12.53 19.04
CA GLU F 70 -49.72 -13.28 20.17
C GLU F 70 -50.08 -12.34 21.33
N ILE F 71 -51.20 -12.56 22.00
CA ILE F 71 -52.01 -13.76 21.86
C ILE F 71 -53.36 -13.54 22.56
N MET F 72 -54.07 -12.49 22.14
CA MET F 72 -53.64 -11.64 21.05
C MET F 72 -52.66 -12.37 20.16
N ILE F 77 -58.25 -10.01 22.62
CA ILE F 77 -57.77 -8.63 22.47
C ILE F 77 -57.16 -8.26 21.14
N ALA F 78 -57.48 -7.04 20.69
CA ALA F 78 -56.92 -6.43 19.50
C ALA F 78 -56.88 -4.89 19.67
N LEU F 79 -56.63 -4.13 18.61
CA LEU F 79 -56.47 -2.69 18.78
C LEU F 79 -57.68 -1.88 18.31
N ARG F 80 -57.82 -0.67 18.84
CA ARG F 80 -58.76 0.30 18.30
C ARG F 80 -57.94 1.52 17.90
N TRP F 81 -58.35 2.20 16.84
CA TRP F 81 -57.48 3.08 16.06
C TRP F 81 -56.74 2.11 15.15
N THR F 82 -57.05 0.84 15.30
CA THR F 82 -56.41 -0.20 14.54
C THR F 82 -56.56 0.11 13.09
N ALA F 83 -55.87 -0.66 12.24
CA ALA F 83 -55.44 -1.98 12.66
C ALA F 83 -54.14 -2.39 11.98
N LYS F 84 -53.22 -2.91 12.75
CA LYS F 84 -52.03 -3.47 12.20
C LYS F 84 -51.85 -4.76 12.91
N GLN F 85 -51.33 -5.73 12.20
CA GLN F 85 -50.87 -7.00 12.76
C GLN F 85 -49.83 -6.76 13.86
N LYS F 86 -48.86 -5.91 13.58
CA LYS F 86 -47.81 -5.59 14.55
C LYS F 86 -47.73 -4.09 14.77
N LEU F 87 -47.22 -3.68 15.92
CA LEU F 87 -47.04 -2.26 16.21
C LEU F 87 -45.88 -2.03 17.17
N TYR F 88 -45.12 -0.97 16.94
CA TYR F 88 -44.05 -0.57 17.85
C TYR F 88 -44.51 0.59 18.70
N LEU F 89 -44.15 0.56 19.99
CA LEU F 89 -44.46 1.64 20.89
C LEU F 89 -43.19 2.14 21.56
N ARG F 90 -43.01 3.46 21.60
CA ARG F 90 -41.89 4.06 22.31
C ARG F 90 -42.14 3.98 23.81
N THR F 91 -41.07 3.99 24.59
CA THR F 91 -41.21 4.15 26.03
C THR F 91 -41.97 5.44 26.31
N GLY F 92 -43.12 5.32 26.96
CA GLY F 92 -43.94 6.48 27.26
C GLY F 92 -45.11 6.63 26.30
N GLU F 93 -45.18 5.76 25.31
CA GLU F 93 -46.27 5.79 24.35
C GLU F 93 -47.41 4.88 24.84
N SER F 94 -48.60 5.08 24.31
CA SER F 94 -49.77 4.35 24.77
C SER F 94 -50.54 3.67 23.65
N VAL F 95 -51.11 2.50 23.96
CA VAL F 95 -51.98 1.80 23.02
C VAL F 95 -53.39 1.72 23.58
N GLU F 96 -54.35 1.48 22.69
CA GLU F 96 -55.73 1.26 23.09
C GLU F 96 -56.22 -0.05 22.48
N PHE F 97 -56.70 -0.94 23.33
CA PHE F 97 -57.15 -2.25 22.89
C PHE F 97 -58.68 -2.36 22.89
N VAL F 98 -59.17 -3.35 22.17
CA VAL F 98 -60.56 -3.77 22.25
C VAL F 98 -60.57 -5.29 22.28
N CYS F 99 -61.74 -5.90 22.14
CA CYS F 99 -61.85 -7.36 22.18
C CYS F 99 -62.46 -7.93 20.90
N THR F 111 -59.70 -1.35 32.29
CA THR F 111 -58.87 -0.38 31.61
C THR F 111 -57.94 -1.06 30.59
N LEU F 112 -58.12 -0.71 29.32
CA LEU F 112 -57.27 -1.25 28.26
C LEU F 112 -56.41 -0.16 27.66
N ARG F 113 -56.21 0.92 28.41
CA ARG F 113 -55.35 2.02 27.99
C ARG F 113 -54.05 1.91 28.75
N THR F 114 -52.99 1.50 28.07
CA THR F 114 -51.73 1.21 28.74
C THR F 114 -50.58 2.11 28.29
N THR F 115 -49.53 2.14 29.11
CA THR F 115 -48.32 2.91 28.79
C THR F 115 -47.12 1.98 28.78
N CYS F 116 -46.45 1.90 27.64
CA CYS F 116 -45.24 1.10 27.52
C CYS F 116 -44.10 1.76 28.28
N TRP F 117 -43.29 0.96 28.97
CA TRP F 117 -42.10 1.50 29.60
C TRP F 117 -40.92 0.52 29.58
N ASP F 118 -39.78 1.02 29.09
CA ASP F 118 -38.54 0.24 29.00
C ASP F 118 -38.80 -1.21 28.61
N GLY F 119 -39.54 -1.40 27.52
CA GLY F 119 -39.78 -2.73 26.98
C GLY F 119 -40.77 -3.55 27.79
N LYS F 120 -41.51 -2.87 28.65
CA LYS F 120 -42.54 -3.51 29.47
C LYS F 120 -43.90 -3.01 29.12
N LEU F 121 -44.84 -3.90 29.03
CA LEU F 121 -46.21 -3.50 28.74
C LEU F 121 -47.25 -4.38 29.44
N GLU F 122 -48.24 -3.73 30.05
CA GLU F 122 -49.33 -4.44 30.70
C GLU F 122 -50.43 -4.78 29.70
N TYR F 123 -50.55 -6.06 29.37
CA TYR F 123 -51.60 -6.53 28.47
C TYR F 123 -52.86 -6.86 29.24
N PRO F 124 -53.98 -6.21 28.90
CA PRO F 124 -55.28 -6.59 29.48
C PRO F 124 -55.72 -7.94 28.94
N THR F 125 -56.23 -8.80 29.82
CA THR F 125 -56.78 -10.08 29.38
C THR F 125 -58.27 -9.94 29.13
N CYS F 126 -58.73 -10.48 28.00
CA CYS F 126 -60.13 -10.31 27.61
C CYS F 126 -60.72 -11.63 27.10
C1 GOL G . -3.64 -31.03 -1.66
O1 GOL G . -4.04 -29.69 -1.76
C2 GOL G . -2.18 -31.10 -1.25
O2 GOL G . -1.37 -31.24 -2.39
C3 GOL G . -1.79 -29.82 -0.50
O3 GOL G . -2.06 -30.01 0.87
C1 GOL H . -6.45 -11.29 -3.20
O1 GOL H . -5.07 -11.31 -2.88
C2 GOL H . -7.14 -12.33 -2.34
O2 GOL H . -6.57 -12.29 -1.06
C3 GOL H . -6.82 -13.69 -2.98
O3 GOL H . -6.38 -13.46 -4.29
C1 GOL I . 9.81 37.79 -16.98
O1 GOL I . 10.79 38.74 -16.63
C2 GOL I . 8.80 37.70 -15.84
O2 GOL I . 9.40 38.17 -14.65
C3 GOL I . 8.35 36.25 -15.63
O3 GOL I . 8.06 35.67 -16.88
C1 GOL J . -12.06 12.95 -4.25
O1 GOL J . -10.93 13.02 -5.09
C2 GOL J . -11.72 13.46 -2.87
O2 GOL J . -10.37 13.19 -2.57
C3 GOL J . -12.61 12.78 -1.83
O3 GOL J . -12.21 13.20 -0.55
#